data_6S35
#
_entry.id   6S35
#
_cell.length_a   120.550
_cell.length_b   179.497
_cell.length_c   234.430
_cell.angle_alpha   90.000
_cell.angle_beta   90.000
_cell.angle_gamma   90.000
#
_symmetry.space_group_name_H-M   'I 2 2 2'
#
loop_
_entity.id
_entity.type
_entity.pdbx_description
1 polymer 'Lysine-specific histone demethylase 1A'
2 polymer 'REST corepressor 1'
3 polymer ALA-ARG-(D)LYS-MET-GLN-GLU-ALA-ARG-LYS-SER-THR
4 non-polymer 'FLAVIN-ADENINE DINUCLEOTIDE'
#
loop_
_entity_poly.entity_id
_entity_poly.type
_entity_poly.pdbx_seq_one_letter_code
_entity_poly.pdbx_strand_id
1 'polypeptide(L)'
;GSHMSGVEGAAFQSRLPHDRMTSQEAACFPDIISGPQQTQKVFLFIRNRTLQLWLDNPKIQLTFEATLQQLEAPYNSDTV
LVHRVHSYLERHGLINFGIYKRIKPLPTKKTGKVIIIGSGVSGLAAARQLQSFGMDVTLLEARDRVGGRVATFRKGNYVA
DLGAMVVTGLGGNPMAVVSKQVNMELAKIKQKCPLYEANGQAVPKEKDEMVEQEFNRLLEATSYLSHQLDFNVLNNKPVS
LGQALEVVIQLQEKHVKDEQIEHWKKIVKTQEELKELLNKMVNLKEKIKELHQQYKEASEVKPPRDITAEFLVKSKHRDL
TALCKEYDELAETQGKLEEKLQELEANPPSDVYLSSRDRQILDWHFANLEFANATPLSTLSLKHWDQDDDFEFTGSHLTV
RNGYSCVPVALAEGLDIKLNTAVRQVRYTASGCEVIAVNTRSTSQTFIYKCDAVLCTLPLGVLKQQPPAVQFVPPLPEWK
TSAVQRMGFGNLNKVVLCFDRVFWDPSVNLFGHVGSTTASRGELFLFWNLYKAPILLALVAGEAAGIMENISDDVIVGRC
LAILKGIFGSSAVPQPKETVVSRWRADPWARGSYSYVAAGSSGNDYDLMAQPITPGPSIPGAPQPIPRLFFAGEHTIRNY
PATVHGALLSGLREAGRIADQFLGAM
;
A
2 'polypeptide(L)'
;GSHMRAKRKPPKGMFLSQEDVEAVSANATAATTVLRQLDMELVSVKRQIQNIKQTNSALKEKLDGGIEPYRLPEVIQKCN
ARWTTEEQLLAVQAIRKYGRDFQAISDVIGNKSVVQVKNFFVNYRRRFNIDEVLQEWEAEHGKEETNGPSNQKPVKSPDN
SIKMPEEEDEAPVLDVRYASAS
;
B
3 'polypeptide(L)' AR(DLY)MQEARKST C
#
loop_
_chem_comp.id
_chem_comp.type
_chem_comp.name
_chem_comp.formula
FAD non-polymer 'FLAVIN-ADENINE DINUCLEOTIDE' 'C27 H33 N9 O15 P2'
#
# COMPACT_ATOMS: atom_id res chain seq x y z
N SER A 5 -31.26 -8.24 -7.25
CA SER A 5 -32.58 -7.54 -7.18
C SER A 5 -33.64 -8.50 -6.62
N GLY A 6 -34.18 -8.17 -5.44
CA GLY A 6 -35.34 -8.82 -4.80
C GLY A 6 -34.92 -9.93 -3.84
N VAL A 7 -35.12 -11.18 -4.25
CA VAL A 7 -34.74 -12.43 -3.51
C VAL A 7 -33.22 -12.46 -3.40
N GLU A 8 -32.52 -11.99 -4.43
CA GLU A 8 -31.04 -12.05 -4.53
C GLU A 8 -30.43 -10.93 -3.67
N GLY A 9 -31.06 -9.76 -3.64
CA GLY A 9 -30.65 -8.62 -2.79
C GLY A 9 -30.60 -9.01 -1.32
N ALA A 10 -31.61 -9.75 -0.87
CA ALA A 10 -31.76 -10.24 0.52
C ALA A 10 -30.63 -11.23 0.87
N ALA A 11 -30.21 -12.04 -0.10
CA ALA A 11 -29.09 -13.01 0.11
C ALA A 11 -27.83 -12.19 0.34
N PHE A 12 -27.55 -11.27 -0.56
CA PHE A 12 -26.34 -10.43 -0.49
C PHE A 12 -26.38 -9.58 0.80
N GLN A 13 -27.57 -9.12 1.19
CA GLN A 13 -27.75 -8.23 2.37
C GLN A 13 -27.65 -9.11 3.63
N SER A 14 -27.74 -10.43 3.49
CA SER A 14 -27.55 -11.41 4.59
C SER A 14 -26.16 -12.05 4.50
N ARG A 15 -25.20 -11.40 3.83
CA ARG A 15 -23.83 -11.90 3.63
C ARG A 15 -23.80 -13.30 2.98
N LEU A 16 -24.81 -13.66 2.17
CA LEU A 16 -24.92 -15.01 1.57
C LEU A 16 -24.94 -14.95 0.06
N PRO A 17 -24.37 -15.99 -0.60
CA PRO A 17 -24.62 -16.20 -2.04
C PRO A 17 -26.00 -16.77 -2.36
N HIS A 18 -26.81 -16.07 -3.17
CA HIS A 18 -28.12 -16.57 -3.66
C HIS A 18 -27.90 -17.82 -4.51
N ASP A 19 -26.84 -17.83 -5.32
CA ASP A 19 -26.45 -18.88 -6.29
C ASP A 19 -26.44 -20.26 -5.67
N ARG A 20 -25.87 -20.40 -4.48
CA ARG A 20 -25.48 -21.75 -3.99
C ARG A 20 -25.54 -21.80 -2.46
N MET A 21 -25.48 -23.02 -1.92
CA MET A 21 -25.61 -23.31 -0.48
C MET A 21 -24.23 -23.16 0.17
N THR A 22 -24.21 -22.59 1.39
CA THR A 22 -23.02 -22.31 2.25
C THR A 22 -22.58 -23.60 2.95
N SER A 23 -21.48 -23.57 3.70
CA SER A 23 -21.05 -24.73 4.52
C SER A 23 -21.97 -24.91 5.73
N GLN A 24 -22.34 -23.83 6.42
CA GLN A 24 -23.31 -23.88 7.53
C GLN A 24 -24.56 -24.64 7.08
N GLU A 25 -24.96 -24.49 5.82
CA GLU A 25 -26.22 -25.08 5.29
C GLU A 25 -25.97 -26.55 4.95
N ALA A 26 -24.86 -26.87 4.31
CA ALA A 26 -24.46 -28.27 4.01
C ALA A 26 -24.55 -29.10 5.29
N ALA A 27 -24.10 -28.54 6.40
CA ALA A 27 -24.03 -29.21 7.71
C ALA A 27 -25.42 -29.60 8.20
N CYS A 28 -26.38 -28.68 8.01
CA CYS A 28 -27.78 -28.74 8.51
C CYS A 28 -28.74 -29.33 7.49
N PHE A 29 -28.41 -29.31 6.20
CA PHE A 29 -29.28 -29.80 5.11
C PHE A 29 -28.47 -30.70 4.19
N PRO A 30 -27.73 -31.70 4.73
CA PRO A 30 -26.95 -32.61 3.89
C PRO A 30 -27.81 -33.43 2.92
N ASP A 31 -29.00 -33.83 3.36
CA ASP A 31 -30.00 -34.51 2.49
C ASP A 31 -30.04 -33.75 1.15
N ILE A 32 -29.95 -32.42 1.20
CA ILE A 32 -30.31 -31.51 0.07
C ILE A 32 -29.10 -31.28 -0.82
N ILE A 33 -28.04 -30.75 -0.24
CA ILE A 33 -26.80 -30.37 -0.96
C ILE A 33 -26.25 -31.62 -1.64
N SER A 34 -26.30 -32.79 -1.01
CA SER A 34 -25.78 -34.06 -1.60
C SER A 34 -26.77 -34.59 -2.62
N GLY A 35 -28.01 -34.10 -2.58
CA GLY A 35 -29.13 -34.52 -3.44
C GLY A 35 -29.16 -33.70 -4.72
N PRO A 36 -30.18 -33.88 -5.58
CA PRO A 36 -30.27 -33.20 -6.89
C PRO A 36 -30.39 -31.67 -6.92
N GLN A 37 -29.86 -31.06 -7.99
CA GLN A 37 -29.73 -29.59 -8.19
C GLN A 37 -31.11 -28.93 -8.20
N GLN A 38 -32.15 -29.70 -8.54
CA GLN A 38 -33.56 -29.22 -8.54
C GLN A 38 -33.96 -28.85 -7.10
N THR A 39 -33.85 -29.80 -6.16
CA THR A 39 -34.26 -29.61 -4.74
C THR A 39 -33.44 -28.48 -4.09
N GLN A 40 -32.17 -28.29 -4.53
CA GLN A 40 -31.23 -27.24 -4.02
C GLN A 40 -31.79 -25.85 -4.35
N LYS A 41 -32.27 -25.64 -5.57
CA LYS A 41 -32.75 -24.31 -6.03
C LYS A 41 -34.03 -23.96 -5.27
N VAL A 42 -34.84 -24.96 -4.95
CA VAL A 42 -36.05 -24.77 -4.07
C VAL A 42 -35.56 -24.25 -2.72
N PHE A 43 -34.78 -25.09 -2.02
CA PHE A 43 -34.14 -24.74 -0.72
C PHE A 43 -33.73 -23.26 -0.79
N LEU A 44 -33.01 -22.93 -1.86
CA LEU A 44 -32.31 -21.63 -1.97
C LEU A 44 -33.34 -20.50 -2.07
N PHE A 45 -34.42 -20.66 -2.85
CA PHE A 45 -35.48 -19.62 -2.97
C PHE A 45 -36.17 -19.44 -1.61
N ILE A 46 -36.48 -20.54 -0.92
CA ILE A 46 -37.18 -20.49 0.40
C ILE A 46 -36.31 -19.63 1.33
N ARG A 47 -35.02 -19.98 1.41
CA ARG A 47 -34.03 -19.30 2.28
C ARG A 47 -34.00 -17.83 1.93
N ASN A 48 -33.90 -17.50 0.63
CA ASN A 48 -33.69 -16.11 0.15
C ASN A 48 -35.00 -15.36 0.38
N ARG A 49 -36.13 -15.98 0.05
CA ARG A 49 -37.49 -15.38 0.17
C ARG A 49 -37.84 -15.14 1.64
N THR A 50 -37.53 -16.11 2.51
CA THR A 50 -37.72 -16.05 3.99
C THR A 50 -36.92 -14.85 4.52
N LEU A 51 -35.67 -14.71 4.07
CA LEU A 51 -34.74 -13.59 4.43
C LEU A 51 -35.34 -12.28 3.96
N GLN A 52 -35.82 -12.27 2.71
CA GLN A 52 -36.39 -11.06 2.09
C GLN A 52 -37.49 -10.55 3.01
N LEU A 53 -38.37 -11.44 3.46
CA LEU A 53 -39.52 -11.08 4.32
C LEU A 53 -39.03 -10.47 5.64
N TRP A 54 -38.06 -11.12 6.30
CA TRP A 54 -37.41 -10.58 7.52
C TRP A 54 -36.97 -9.14 7.28
N LEU A 55 -36.20 -8.93 6.21
CA LEU A 55 -35.49 -7.65 5.95
C LEU A 55 -36.51 -6.59 5.56
N ASP A 56 -37.44 -6.95 4.68
CA ASP A 56 -38.49 -6.04 4.16
C ASP A 56 -39.20 -5.37 5.34
N ASN A 57 -39.24 -6.01 6.50
CA ASN A 57 -39.66 -5.33 7.75
C ASN A 57 -39.10 -6.09 8.93
N PRO A 58 -38.02 -5.61 9.58
CA PRO A 58 -37.38 -6.36 10.65
C PRO A 58 -37.66 -5.73 12.01
N LYS A 59 -38.80 -5.06 12.13
CA LYS A 59 -39.35 -4.58 13.42
C LYS A 59 -40.35 -5.58 14.02
N ILE A 60 -40.80 -6.56 13.23
CA ILE A 60 -41.82 -7.56 13.63
C ILE A 60 -41.16 -8.93 13.59
N GLN A 61 -41.31 -9.75 14.63
CA GLN A 61 -40.85 -11.15 14.59
C GLN A 61 -41.47 -11.82 13.36
N LEU A 62 -40.66 -12.45 12.53
CA LEU A 62 -41.15 -13.26 11.39
C LEU A 62 -41.27 -14.70 11.85
N THR A 63 -42.50 -15.19 11.97
CA THR A 63 -42.86 -16.57 12.41
C THR A 63 -42.83 -17.54 11.22
N PHE A 64 -42.93 -18.82 11.53
CA PHE A 64 -43.08 -19.90 10.52
C PHE A 64 -44.41 -19.71 9.76
N GLU A 65 -45.51 -19.56 10.51
CA GLU A 65 -46.87 -19.35 9.98
C GLU A 65 -46.82 -18.24 8.92
N ALA A 66 -46.12 -17.14 9.21
CA ALA A 66 -46.03 -15.95 8.34
C ALA A 66 -45.35 -16.33 7.02
N THR A 67 -44.14 -16.92 7.07
CA THR A 67 -43.30 -17.16 5.85
C THR A 67 -44.04 -18.13 4.92
N LEU A 68 -44.53 -19.25 5.47
CA LEU A 68 -45.30 -20.29 4.71
C LEU A 68 -46.49 -19.62 4.04
N GLN A 69 -47.11 -18.64 4.69
CA GLN A 69 -48.34 -18.00 4.17
C GLN A 69 -48.01 -17.06 3.00
N GLN A 70 -46.73 -16.74 2.76
CA GLN A 70 -46.34 -15.81 1.67
C GLN A 70 -45.33 -16.46 0.70
N LEU A 71 -45.02 -17.74 0.83
CA LEU A 71 -44.52 -18.56 -0.31
C LEU A 71 -45.70 -18.86 -1.24
N GLU A 72 -45.43 -19.44 -2.40
CA GLU A 72 -46.46 -20.04 -3.30
C GLU A 72 -45.85 -21.25 -4.01
N ALA A 73 -46.64 -22.32 -4.24
CA ALA A 73 -46.17 -23.56 -4.89
C ALA A 73 -45.40 -23.15 -6.13
N PRO A 74 -44.30 -23.85 -6.53
CA PRO A 74 -43.96 -25.17 -5.98
C PRO A 74 -43.25 -25.23 -4.61
N TYR A 75 -42.92 -24.08 -4.01
CA TYR A 75 -42.03 -23.95 -2.82
C TYR A 75 -42.87 -24.17 -1.55
N ASN A 76 -43.99 -23.44 -1.47
CA ASN A 76 -45.18 -23.70 -0.61
C ASN A 76 -45.45 -25.19 -0.37
N SER A 77 -45.30 -26.03 -1.40
CA SER A 77 -45.55 -27.51 -1.38
C SER A 77 -45.04 -28.16 -0.08
N ASP A 78 -43.71 -28.32 0.08
CA ASP A 78 -43.06 -29.05 1.22
C ASP A 78 -43.00 -28.14 2.45
N THR A 79 -43.88 -28.37 3.43
CA THR A 79 -44.09 -27.47 4.59
C THR A 79 -43.11 -27.89 5.70
N VAL A 80 -42.54 -29.09 5.65
CA VAL A 80 -41.41 -29.45 6.55
C VAL A 80 -40.18 -28.63 6.16
N LEU A 81 -39.61 -28.87 4.96
CA LEU A 81 -38.45 -28.12 4.43
C LEU A 81 -38.59 -26.62 4.79
N VAL A 82 -39.75 -26.00 4.59
CA VAL A 82 -39.97 -24.55 4.89
C VAL A 82 -39.74 -24.30 6.39
N HIS A 83 -40.28 -25.16 7.25
CA HIS A 83 -40.12 -25.06 8.72
C HIS A 83 -38.66 -25.29 9.12
N ARG A 84 -37.91 -26.15 8.42
CA ARG A 84 -36.47 -26.37 8.74
C ARG A 84 -35.71 -25.10 8.40
N VAL A 85 -35.86 -24.62 7.16
CA VAL A 85 -35.21 -23.39 6.66
C VAL A 85 -35.55 -22.27 7.65
N HIS A 86 -36.81 -22.07 8.00
CA HIS A 86 -37.20 -20.96 8.90
C HIS A 86 -36.47 -21.11 10.24
N SER A 87 -36.40 -22.30 10.79
CA SER A 87 -35.83 -22.54 12.14
C SER A 87 -34.30 -22.45 12.09
N TYR A 88 -33.68 -22.65 10.93
CA TYR A 88 -32.21 -22.55 10.72
C TYR A 88 -31.80 -21.08 10.71
N LEU A 89 -32.55 -20.29 9.96
CA LEU A 89 -32.34 -18.83 9.87
C LEU A 89 -32.62 -18.24 11.25
N GLU A 90 -33.50 -18.84 12.04
CA GLU A 90 -33.87 -18.26 13.36
C GLU A 90 -32.66 -18.38 14.31
N ARG A 91 -32.02 -19.55 14.38
CA ARG A 91 -30.90 -19.79 15.34
C ARG A 91 -29.69 -18.94 14.98
N HIS A 92 -29.26 -19.16 13.73
CA HIS A 92 -27.96 -18.69 13.24
C HIS A 92 -28.03 -17.17 13.13
N GLY A 93 -29.23 -16.62 13.35
CA GLY A 93 -29.47 -15.19 13.64
C GLY A 93 -29.45 -14.38 12.36
N LEU A 94 -30.04 -14.96 11.31
CA LEU A 94 -30.16 -14.31 9.99
C LEU A 94 -31.50 -13.58 9.91
N ILE A 95 -32.42 -13.89 10.82
CA ILE A 95 -33.80 -13.34 10.92
C ILE A 95 -34.17 -13.28 12.40
N ASN A 96 -35.06 -12.36 12.78
CA ASN A 96 -35.45 -12.16 14.19
C ASN A 96 -34.19 -12.03 15.07
N PHE A 97 -33.30 -11.09 14.75
CA PHE A 97 -32.23 -10.59 15.65
C PHE A 97 -32.40 -9.09 15.85
N GLY A 98 -31.79 -8.56 16.92
CA GLY A 98 -31.86 -7.13 17.25
C GLY A 98 -33.11 -6.83 18.05
N ILE A 99 -33.82 -5.76 17.72
CA ILE A 99 -35.07 -5.38 18.43
C ILE A 99 -36.26 -5.59 17.50
N TYR A 100 -36.94 -6.73 17.63
CA TYR A 100 -38.27 -7.03 17.03
C TYR A 100 -39.33 -6.85 18.12
N LYS A 101 -40.58 -6.76 17.69
CA LYS A 101 -41.77 -6.98 18.55
C LYS A 101 -42.11 -8.46 18.38
N ARG A 102 -42.03 -9.23 19.47
CA ARG A 102 -42.41 -10.67 19.50
C ARG A 102 -43.92 -10.72 19.25
N ILE A 103 -44.41 -11.69 18.50
CA ILE A 103 -45.88 -11.85 18.30
C ILE A 103 -46.39 -12.79 19.42
N LYS A 104 -45.65 -13.85 19.75
CA LYS A 104 -45.96 -14.70 20.94
C LYS A 104 -45.01 -14.31 22.07
N PRO A 105 -45.51 -13.65 23.16
CA PRO A 105 -44.65 -13.29 24.29
C PRO A 105 -43.90 -14.56 24.77
N LEU A 106 -42.56 -14.55 24.76
CA LEU A 106 -41.71 -15.71 25.12
C LEU A 106 -42.17 -16.27 26.45
N PRO A 107 -42.24 -17.61 26.63
CA PRO A 107 -42.71 -18.19 27.90
C PRO A 107 -41.73 -17.96 29.06
N THR A 108 -42.21 -18.01 30.30
CA THR A 108 -41.41 -17.86 31.55
C THR A 108 -40.92 -19.25 32.00
N LYS A 109 -41.31 -20.32 31.28
CA LYS A 109 -40.71 -21.67 31.43
C LYS A 109 -39.34 -21.66 30.74
N LYS A 110 -38.35 -21.06 31.39
CA LYS A 110 -36.98 -20.84 30.84
C LYS A 110 -36.18 -22.12 31.04
N THR A 111 -35.50 -22.58 30.01
CA THR A 111 -34.76 -23.86 30.03
C THR A 111 -33.27 -23.61 29.79
N GLY A 112 -32.40 -24.10 30.69
CA GLY A 112 -30.93 -23.93 30.62
C GLY A 112 -30.52 -22.57 31.13
N LYS A 113 -29.36 -22.45 31.79
CA LYS A 113 -28.88 -21.16 32.36
C LYS A 113 -27.47 -20.84 31.86
N VAL A 114 -27.26 -19.60 31.37
CA VAL A 114 -26.01 -19.09 30.74
C VAL A 114 -25.61 -17.77 31.39
N ILE A 115 -24.39 -17.71 31.94
CA ILE A 115 -23.67 -16.46 32.30
C ILE A 115 -22.88 -15.98 31.08
N ILE A 116 -23.15 -14.74 30.65
CA ILE A 116 -22.38 -13.98 29.64
C ILE A 116 -21.51 -12.93 30.33
N ILE A 117 -20.20 -13.00 30.11
CA ILE A 117 -19.18 -12.05 30.64
C ILE A 117 -19.03 -10.89 29.65
N GLY A 118 -19.49 -9.72 30.05
CA GLY A 118 -19.29 -8.48 29.29
C GLY A 118 -20.56 -8.10 28.56
N SER A 119 -20.99 -6.84 28.73
CA SER A 119 -22.10 -6.22 27.98
C SER A 119 -21.54 -5.49 26.74
N GLY A 120 -20.54 -6.11 26.10
CA GLY A 120 -20.18 -5.86 24.69
C GLY A 120 -21.41 -5.69 23.80
N VAL A 121 -21.20 -5.31 22.54
CA VAL A 121 -22.25 -5.55 21.52
C VAL A 121 -22.32 -7.06 21.34
N SER A 122 -21.17 -7.74 21.27
CA SER A 122 -21.15 -9.21 21.13
C SER A 122 -21.95 -9.81 22.29
N GLY A 123 -21.64 -9.38 23.53
CA GLY A 123 -22.35 -9.85 24.73
C GLY A 123 -23.86 -9.73 24.59
N LEU A 124 -24.35 -8.50 24.33
CA LEU A 124 -25.79 -8.14 24.25
C LEU A 124 -26.44 -8.87 23.09
N ALA A 125 -25.76 -9.01 21.97
CA ALA A 125 -26.40 -9.64 20.80
C ALA A 125 -26.74 -11.06 21.21
N ALA A 126 -25.74 -11.83 21.64
CA ALA A 126 -25.91 -13.20 22.18
C ALA A 126 -26.96 -13.22 23.31
N ALA A 127 -26.86 -12.36 24.31
CA ALA A 127 -27.82 -12.32 25.44
C ALA A 127 -29.24 -12.32 24.87
N ARG A 128 -29.54 -11.41 23.96
CA ARG A 128 -30.91 -11.19 23.42
C ARG A 128 -31.41 -12.45 22.68
N GLN A 129 -30.48 -13.17 22.05
CA GLN A 129 -30.79 -14.35 21.19
C GLN A 129 -31.09 -15.53 22.10
N LEU A 130 -30.17 -15.82 23.02
CA LEU A 130 -30.33 -16.87 24.05
C LEU A 130 -31.64 -16.61 24.79
N GLN A 131 -31.92 -15.39 25.18
CA GLN A 131 -33.20 -15.04 25.83
C GLN A 131 -34.36 -15.43 24.90
N SER A 132 -34.33 -15.04 23.64
CA SER A 132 -35.45 -15.29 22.68
C SER A 132 -35.53 -16.78 22.32
N PHE A 133 -34.53 -17.60 22.62
CA PHE A 133 -34.63 -19.07 22.48
C PHE A 133 -35.14 -19.69 23.77
N GLY A 134 -35.65 -18.86 24.68
CA GLY A 134 -36.04 -19.20 26.07
C GLY A 134 -34.94 -19.88 26.87
N MET A 135 -33.77 -19.27 26.98
CA MET A 135 -32.75 -19.67 27.99
C MET A 135 -32.77 -18.61 29.06
N ASP A 136 -32.16 -18.88 30.21
CA ASP A 136 -32.02 -17.90 31.30
C ASP A 136 -30.63 -17.32 31.16
N VAL A 137 -30.54 -16.01 30.92
CA VAL A 137 -29.27 -15.32 30.60
C VAL A 137 -29.03 -14.25 31.64
N THR A 138 -27.86 -14.24 32.26
CA THR A 138 -27.35 -13.07 33.02
C THR A 138 -26.00 -12.63 32.47
N LEU A 139 -25.90 -11.32 32.21
CA LEU A 139 -24.69 -10.59 31.78
C LEU A 139 -24.00 -9.98 33.00
N LEU A 140 -22.66 -10.08 33.05
CA LEU A 140 -21.80 -9.58 34.14
C LEU A 140 -20.84 -8.54 33.57
N GLU A 141 -21.01 -7.24 33.81
CA GLU A 141 -20.01 -6.25 33.34
C GLU A 141 -19.38 -5.45 34.48
N ALA A 142 -18.06 -5.26 34.36
CA ALA A 142 -17.17 -4.46 35.25
C ALA A 142 -17.60 -2.99 35.22
N ARG A 143 -17.98 -2.50 34.05
CA ARG A 143 -18.23 -1.05 33.84
C ARG A 143 -19.53 -0.63 34.54
N ASP A 144 -19.77 0.67 34.68
CA ASP A 144 -21.03 1.23 35.24
C ASP A 144 -22.01 1.54 34.08
N ARG A 145 -21.80 0.94 32.92
CA ARG A 145 -22.65 1.20 31.73
C ARG A 145 -22.46 0.00 30.80
N VAL A 146 -23.43 -0.25 29.92
CA VAL A 146 -23.29 -1.22 28.78
C VAL A 146 -22.40 -0.64 27.67
N GLY A 147 -22.16 -1.37 26.58
CA GLY A 147 -21.64 -0.82 25.30
C GLY A 147 -20.18 -1.16 25.08
N GLY A 148 -19.43 -1.17 26.17
CA GLY A 148 -17.99 -1.45 26.10
C GLY A 148 -17.31 -0.45 25.21
N ARG A 149 -16.60 -0.95 24.19
CA ARG A 149 -15.81 -0.16 23.23
C ARG A 149 -16.75 0.68 22.34
N VAL A 150 -18.05 0.63 22.56
CA VAL A 150 -19.03 1.60 21.99
C VAL A 150 -19.36 2.57 23.10
N ALA A 151 -18.40 3.44 23.38
CA ALA A 151 -18.46 4.50 24.39
C ALA A 151 -18.74 5.83 23.70
N THR A 152 -19.81 6.50 24.13
CA THR A 152 -20.24 7.83 23.64
C THR A 152 -20.23 8.82 24.79
N PHE A 153 -19.66 10.00 24.56
CA PHE A 153 -19.57 11.12 25.54
C PHE A 153 -20.76 12.04 25.29
N ARG A 154 -21.63 12.24 26.28
CA ARG A 154 -22.58 13.38 26.30
C ARG A 154 -22.18 14.35 27.41
N LYS A 155 -22.49 15.63 27.22
CA LYS A 155 -22.40 16.71 28.23
C LYS A 155 -23.12 17.90 27.57
N GLY A 156 -24.34 18.21 28.03
CA GLY A 156 -25.28 19.08 27.30
C GLY A 156 -25.56 18.52 25.92
N ASN A 157 -25.72 19.39 24.92
CA ASN A 157 -26.03 19.03 23.51
C ASN A 157 -24.79 18.44 22.82
N TYR A 158 -23.61 18.61 23.40
CA TYR A 158 -22.34 18.02 22.88
C TYR A 158 -22.44 16.50 23.05
N VAL A 159 -22.17 15.76 21.98
CA VAL A 159 -22.27 14.28 21.90
C VAL A 159 -21.21 13.80 20.93
N ALA A 160 -20.31 12.92 21.35
CA ALA A 160 -19.15 12.50 20.53
C ALA A 160 -18.71 11.10 20.94
N ASP A 161 -18.36 10.27 19.97
CA ASP A 161 -17.99 8.85 20.22
C ASP A 161 -16.49 8.76 20.46
N LEU A 162 -16.07 8.22 21.62
CA LEU A 162 -14.64 7.94 21.91
C LEU A 162 -14.30 6.53 21.49
N GLY A 163 -15.33 5.73 21.17
CA GLY A 163 -15.17 4.33 20.78
C GLY A 163 -15.44 4.16 19.31
N ALA A 164 -16.20 3.14 18.94
CA ALA A 164 -16.71 2.97 17.58
C ALA A 164 -17.49 4.23 17.23
N MET A 165 -17.40 4.65 15.97
CA MET A 165 -17.95 5.94 15.48
C MET A 165 -18.60 5.77 14.10
N VAL A 166 -18.10 4.83 13.29
CA VAL A 166 -18.46 4.76 11.85
C VAL A 166 -19.20 3.46 11.55
N VAL A 167 -20.23 3.53 10.71
CA VAL A 167 -20.94 2.37 10.11
C VAL A 167 -20.34 2.17 8.71
N THR A 168 -19.53 1.14 8.51
CA THR A 168 -18.59 1.01 7.37
C THR A 168 -19.34 0.47 6.15
N GLY A 169 -20.42 1.14 5.75
CA GLY A 169 -21.27 0.79 4.58
C GLY A 169 -22.47 -0.02 5.01
N LEU A 170 -23.63 0.19 4.37
CA LEU A 170 -24.86 -0.59 4.71
C LEU A 170 -25.00 -1.82 3.79
N GLY A 171 -24.13 -2.01 2.80
CA GLY A 171 -24.28 -3.05 1.76
C GLY A 171 -23.90 -4.43 2.25
N GLY A 172 -24.77 -5.07 3.01
CA GLY A 172 -24.54 -6.41 3.60
C GLY A 172 -24.19 -6.33 5.07
N ASN A 173 -24.32 -5.14 5.66
CA ASN A 173 -23.96 -4.83 7.06
C ASN A 173 -25.19 -5.18 7.91
N PRO A 174 -25.05 -6.05 8.94
CA PRO A 174 -26.18 -6.39 9.81
C PRO A 174 -26.67 -5.18 10.59
N MET A 175 -25.82 -4.17 10.75
CA MET A 175 -26.17 -2.93 11.48
C MET A 175 -27.14 -2.12 10.62
N ALA A 176 -27.20 -2.43 9.33
CA ALA A 176 -28.20 -1.85 8.40
C ALA A 176 -29.60 -2.17 8.94
N VAL A 177 -29.78 -3.41 9.42
CA VAL A 177 -31.05 -3.92 10.04
C VAL A 177 -31.26 -3.23 11.38
N VAL A 178 -30.23 -3.18 12.22
CA VAL A 178 -30.35 -2.61 13.58
C VAL A 178 -30.74 -1.13 13.47
N SER A 179 -30.26 -0.41 12.47
CA SER A 179 -30.56 1.05 12.31
C SER A 179 -32.04 1.25 11.97
N LYS A 180 -32.66 0.32 11.24
CA LYS A 180 -34.11 0.43 10.91
C LYS A 180 -34.91 0.24 12.21
N GLN A 181 -34.45 -0.65 13.10
CA GLN A 181 -35.16 -1.07 14.34
C GLN A 181 -35.05 0.01 15.41
N VAL A 182 -33.88 0.64 15.53
CA VAL A 182 -33.48 1.54 16.65
C VAL A 182 -33.67 3.01 16.26
N ASN A 183 -33.77 3.32 14.96
CA ASN A 183 -33.99 4.69 14.41
C ASN A 183 -32.87 5.62 14.87
N MET A 184 -31.63 5.11 14.92
CA MET A 184 -30.40 5.93 15.05
C MET A 184 -30.17 6.66 13.71
N GLU A 185 -29.84 7.96 13.78
CA GLU A 185 -29.64 8.87 12.63
C GLU A 185 -28.24 8.67 12.03
N LEU A 186 -28.15 8.14 10.81
CA LEU A 186 -26.87 7.93 10.09
C LEU A 186 -26.61 9.10 9.14
N ALA A 187 -25.51 9.83 9.34
CA ALA A 187 -25.02 10.89 8.42
C ALA A 187 -23.92 10.30 7.53
N LYS A 188 -23.85 10.70 6.26
CA LYS A 188 -22.80 10.24 5.31
C LYS A 188 -21.48 10.93 5.66
N ILE A 189 -20.38 10.37 5.16
CA ILE A 189 -19.02 10.95 5.32
C ILE A 189 -18.47 11.15 3.92
N LYS A 190 -18.10 12.39 3.58
CA LYS A 190 -17.32 12.71 2.37
C LYS A 190 -15.86 12.46 2.75
N GLN A 191 -15.24 11.46 2.13
CA GLN A 191 -13.89 10.98 2.53
C GLN A 191 -12.82 11.97 2.05
N LYS A 192 -13.16 13.04 1.31
CA LYS A 192 -12.16 14.05 0.82
C LYS A 192 -11.57 14.81 2.01
N CYS A 193 -10.24 14.79 2.14
CA CYS A 193 -9.47 15.18 3.35
C CYS A 193 -8.27 16.02 2.96
N PRO A 194 -8.38 17.36 2.87
CA PRO A 194 -7.21 18.20 2.60
C PRO A 194 -6.14 18.05 3.70
N LEU A 195 -4.87 17.98 3.28
CA LEU A 195 -3.70 18.00 4.20
C LEU A 195 -3.17 19.43 4.38
N TYR A 196 -2.51 19.65 5.51
CA TYR A 196 -1.89 20.92 5.95
C TYR A 196 -0.59 20.60 6.68
N GLU A 197 0.55 21.05 6.16
CA GLU A 197 1.91 20.74 6.70
C GLU A 197 2.10 21.38 8.10
N ALA A 198 3.23 21.06 8.74
CA ALA A 198 3.58 21.51 10.11
C ALA A 198 3.39 23.04 10.21
N ASN A 199 3.93 23.76 9.21
CA ASN A 199 3.92 25.25 9.11
C ASN A 199 2.49 25.79 9.13
N GLY A 200 1.50 25.01 8.66
CA GLY A 200 0.05 25.30 8.79
C GLY A 200 -0.57 25.80 7.49
N GLN A 201 -0.04 25.38 6.35
CA GLN A 201 -0.49 25.81 5.02
C GLN A 201 -0.77 24.57 4.16
N ALA A 202 -1.94 24.55 3.52
CA ALA A 202 -2.47 23.38 2.78
C ALA A 202 -1.38 22.85 1.86
N VAL A 203 -0.94 21.61 2.03
CA VAL A 203 -0.15 20.95 0.96
C VAL A 203 -0.82 21.37 -0.34
N PRO A 204 -0.11 21.94 -1.34
CA PRO A 204 -0.71 22.24 -2.64
C PRO A 204 -1.22 20.97 -3.35
N LYS A 205 -2.16 21.13 -4.27
CA LYS A 205 -2.96 20.04 -4.89
C LYS A 205 -2.08 19.07 -5.71
N GLU A 206 -1.24 19.53 -6.63
CA GLU A 206 -0.44 18.61 -7.48
C GLU A 206 0.50 17.75 -6.63
N LYS A 207 0.87 18.21 -5.43
CA LYS A 207 1.67 17.46 -4.41
C LYS A 207 0.81 16.33 -3.83
N ASP A 208 -0.29 16.73 -3.19
CA ASP A 208 -1.29 15.83 -2.56
C ASP A 208 -1.44 14.55 -3.38
N GLU A 209 -1.66 14.71 -4.69
CA GLU A 209 -1.91 13.62 -5.67
C GLU A 209 -0.62 12.88 -6.00
N MET A 210 0.49 13.56 -6.21
CA MET A 210 1.75 12.87 -6.57
C MET A 210 2.07 11.87 -5.46
N VAL A 211 1.84 12.25 -4.20
CA VAL A 211 2.27 11.48 -3.01
C VAL A 211 1.27 10.34 -2.79
N GLU A 212 -0.03 10.66 -2.71
CA GLU A 212 -1.12 9.64 -2.60
C GLU A 212 -0.86 8.60 -3.70
N GLN A 213 -0.88 9.00 -4.97
CA GLN A 213 -0.61 8.04 -6.07
C GLN A 213 0.64 7.19 -5.75
N GLU A 214 1.68 7.76 -5.13
CA GLU A 214 2.95 7.04 -4.87
C GLU A 214 2.81 6.07 -3.70
N PHE A 215 2.16 6.54 -2.62
CA PHE A 215 1.65 5.69 -1.51
C PHE A 215 0.95 4.47 -2.10
N ASN A 216 -0.08 4.71 -2.93
CA ASN A 216 -0.99 3.65 -3.42
C ASN A 216 -0.12 2.64 -4.17
N ARG A 217 0.89 3.10 -4.89
CA ARG A 217 1.84 2.21 -5.61
C ARG A 217 2.67 1.43 -4.58
N LEU A 218 3.25 2.12 -3.60
CA LEU A 218 4.19 1.52 -2.62
C LEU A 218 3.53 0.32 -1.93
N LEU A 219 2.24 0.43 -1.62
CA LEU A 219 1.45 -0.68 -1.05
C LEU A 219 1.43 -1.83 -2.05
N GLU A 220 0.73 -1.65 -3.18
CA GLU A 220 0.67 -2.59 -4.33
C GLU A 220 2.02 -3.28 -4.49
N ALA A 221 3.12 -2.56 -4.26
CA ALA A 221 4.51 -3.07 -4.39
C ALA A 221 4.82 -4.09 -3.28
N THR A 222 4.34 -3.86 -2.06
CA THR A 222 4.54 -4.81 -0.92
C THR A 222 3.75 -6.07 -1.26
N SER A 223 2.61 -5.91 -1.92
CA SER A 223 1.70 -7.02 -2.27
C SER A 223 2.40 -7.91 -3.30
N TYR A 224 3.00 -7.30 -4.31
CA TYR A 224 3.86 -8.01 -5.27
C TYR A 224 4.99 -8.68 -4.50
N LEU A 225 5.61 -7.97 -3.56
CA LEU A 225 6.80 -8.46 -2.83
C LEU A 225 6.47 -9.73 -2.04
N SER A 226 5.25 -9.77 -1.49
CA SER A 226 4.68 -10.82 -0.59
C SER A 226 4.32 -12.06 -1.42
N HIS A 227 3.44 -11.88 -2.41
CA HIS A 227 2.82 -12.97 -3.22
C HIS A 227 3.78 -13.41 -4.32
N GLN A 228 4.57 -12.51 -4.89
CA GLN A 228 5.37 -12.82 -6.10
C GLN A 228 6.79 -13.28 -5.77
N LEU A 229 7.48 -12.63 -4.83
CA LEU A 229 8.90 -12.99 -4.49
C LEU A 229 8.94 -13.76 -3.17
N ASP A 230 7.77 -13.96 -2.56
CA ASP A 230 7.57 -14.79 -1.33
C ASP A 230 8.45 -14.25 -0.20
N PHE A 231 8.63 -12.93 -0.14
CA PHE A 231 9.43 -12.21 0.89
C PHE A 231 8.55 -12.04 2.14
N ASN A 232 8.32 -13.12 2.88
CA ASN A 232 7.40 -13.16 4.04
C ASN A 232 8.10 -13.66 5.30
N VAL A 233 9.29 -14.24 5.17
CA VAL A 233 10.19 -14.59 6.30
C VAL A 233 11.56 -13.96 6.03
N LEU A 234 12.24 -13.50 7.08
CA LEU A 234 13.57 -12.89 6.98
C LEU A 234 14.29 -13.06 8.31
N ASN A 235 15.28 -13.97 8.34
CA ASN A 235 16.04 -14.40 9.55
C ASN A 235 15.04 -14.96 10.56
N ASN A 236 14.43 -16.10 10.23
CA ASN A 236 13.52 -16.86 11.12
C ASN A 236 12.44 -15.94 11.70
N LYS A 237 12.09 -14.82 11.06
CA LYS A 237 11.08 -13.92 11.66
C LYS A 237 10.13 -13.37 10.61
N PRO A 238 8.81 -13.44 10.85
CA PRO A 238 7.80 -12.95 9.91
C PRO A 238 8.00 -11.48 9.53
N VAL A 239 7.83 -11.14 8.26
CA VAL A 239 8.02 -9.75 7.77
C VAL A 239 6.78 -8.94 8.08
N SER A 240 6.96 -7.68 8.49
CA SER A 240 5.85 -6.72 8.71
C SER A 240 5.58 -5.95 7.42
N LEU A 241 4.40 -5.39 7.30
CA LEU A 241 4.04 -4.40 6.24
C LEU A 241 5.08 -3.29 6.28
N GLY A 242 5.47 -2.87 7.48
CA GLY A 242 6.56 -1.91 7.74
C GLY A 242 7.84 -2.31 7.05
N GLN A 243 8.51 -3.37 7.51
CA GLN A 243 9.75 -3.88 6.86
C GLN A 243 9.62 -3.83 5.34
N ALA A 244 8.53 -4.37 4.78
CA ALA A 244 8.34 -4.48 3.32
C ALA A 244 8.31 -3.10 2.69
N LEU A 245 7.61 -2.13 3.30
CA LEU A 245 7.55 -0.74 2.77
C LEU A 245 8.95 -0.09 2.78
N GLU A 246 9.73 -0.33 3.83
CA GLU A 246 11.12 0.19 3.90
C GLU A 246 11.92 -0.46 2.77
N VAL A 247 11.87 -1.77 2.65
CA VAL A 247 12.63 -2.52 1.61
C VAL A 247 12.19 -2.06 0.23
N VAL A 248 10.95 -1.63 0.06
CA VAL A 248 10.46 -1.13 -1.25
C VAL A 248 10.98 0.30 -1.46
N ILE A 249 10.89 1.16 -0.44
CA ILE A 249 11.38 2.56 -0.55
C ILE A 249 12.89 2.52 -0.78
N GLN A 250 13.65 1.72 0.01
CA GLN A 250 15.12 1.59 -0.15
C GLN A 250 15.46 1.20 -1.58
N LEU A 251 14.61 0.42 -2.26
CA LEU A 251 14.89 -0.06 -3.64
C LEU A 251 14.51 1.02 -4.66
N GLN A 252 13.49 1.83 -4.38
CA GLN A 252 13.09 2.98 -5.25
C GLN A 252 14.12 4.10 -5.14
N GLU A 253 14.74 4.26 -3.96
CA GLU A 253 15.90 5.16 -3.78
C GLU A 253 17.10 4.58 -4.54
N LYS A 254 17.36 3.29 -4.42
CA LYS A 254 18.52 2.64 -5.10
C LYS A 254 18.32 2.70 -6.62
N HIS A 255 17.10 2.64 -7.14
CA HIS A 255 16.88 2.74 -8.61
C HIS A 255 17.16 4.17 -9.07
N VAL A 256 16.85 5.19 -8.27
CA VAL A 256 17.10 6.61 -8.66
C VAL A 256 18.60 6.83 -8.88
N LYS A 257 19.45 6.20 -8.08
CA LYS A 257 20.92 6.37 -8.14
C LYS A 257 21.46 5.54 -9.30
N ASP A 258 21.13 4.25 -9.37
CA ASP A 258 21.47 3.38 -10.53
C ASP A 258 21.20 4.15 -11.83
N GLU A 259 20.17 5.01 -11.85
CA GLU A 259 19.60 5.70 -13.04
C GLU A 259 20.46 6.91 -13.40
N GLN A 260 20.87 7.69 -12.39
CA GLN A 260 21.83 8.81 -12.54
C GLN A 260 23.17 8.24 -13.00
N ILE A 261 23.73 7.30 -12.25
CA ILE A 261 25.03 6.64 -12.57
C ILE A 261 25.01 6.15 -14.02
N GLU A 262 23.91 5.55 -14.48
CA GLU A 262 23.83 5.06 -15.88
C GLU A 262 23.96 6.24 -16.85
N HIS A 263 23.40 7.40 -16.49
CA HIS A 263 23.28 8.61 -17.37
C HIS A 263 24.60 9.38 -17.42
N TRP A 264 25.21 9.68 -16.28
CA TRP A 264 26.55 10.32 -16.26
C TRP A 264 27.56 9.39 -16.97
N LYS A 265 27.56 8.09 -16.68
CA LYS A 265 28.46 7.11 -17.36
C LYS A 265 28.28 7.16 -18.89
N LYS A 266 27.14 7.64 -19.37
CA LYS A 266 26.81 7.73 -20.83
C LYS A 266 27.33 9.06 -21.35
N ILE A 267 27.25 10.12 -20.56
CA ILE A 267 27.92 11.41 -20.87
C ILE A 267 29.44 11.19 -20.95
N VAL A 268 30.03 10.60 -19.92
CA VAL A 268 31.49 10.31 -19.85
C VAL A 268 31.96 9.53 -21.07
N LYS A 269 31.18 8.56 -21.56
CA LYS A 269 31.58 7.72 -22.73
C LYS A 269 31.55 8.57 -24.01
N THR A 270 30.69 9.59 -24.06
CA THR A 270 30.61 10.58 -25.16
C THR A 270 31.81 11.53 -25.05
N GLN A 271 32.07 12.14 -23.89
CA GLN A 271 33.22 13.06 -23.69
C GLN A 271 34.53 12.33 -24.01
N GLU A 272 34.71 11.07 -23.60
CA GLU A 272 35.92 10.26 -23.92
C GLU A 272 36.03 9.98 -25.42
N GLU A 273 34.94 10.13 -26.19
CA GLU A 273 34.92 9.91 -27.67
C GLU A 273 35.22 11.23 -28.38
N LEU A 274 34.61 12.32 -27.92
CA LEU A 274 34.93 13.72 -28.35
C LEU A 274 36.41 13.99 -28.09
N LYS A 275 36.97 13.45 -27.00
CA LYS A 275 38.41 13.62 -26.66
C LYS A 275 39.27 12.84 -27.66
N GLU A 276 38.92 11.59 -27.96
CA GLU A 276 39.69 10.78 -28.93
C GLU A 276 39.70 11.47 -30.30
N LEU A 277 38.65 12.24 -30.61
CA LEU A 277 38.52 12.98 -31.89
C LEU A 277 39.35 14.26 -31.86
N LEU A 278 39.23 15.07 -30.80
CA LEU A 278 40.02 16.33 -30.68
C LEU A 278 41.52 15.98 -30.76
N ASN A 279 42.00 15.00 -30.01
CA ASN A 279 43.42 14.54 -30.06
C ASN A 279 43.83 14.30 -31.52
N LYS A 280 42.91 13.77 -32.33
CA LYS A 280 43.13 13.38 -33.74
C LYS A 280 43.10 14.62 -34.62
N MET A 281 42.11 15.49 -34.43
CA MET A 281 41.91 16.74 -35.22
C MET A 281 43.10 17.68 -34.97
N VAL A 282 43.60 17.73 -33.73
CA VAL A 282 44.72 18.63 -33.34
C VAL A 282 46.02 18.12 -33.94
N ASN A 283 46.14 16.81 -34.19
CA ASN A 283 47.36 16.20 -34.82
C ASN A 283 47.30 16.32 -36.33
N LEU A 284 46.10 16.41 -36.90
CA LEU A 284 45.92 16.63 -38.36
C LEU A 284 46.14 18.11 -38.65
N LYS A 285 45.56 19.02 -37.87
CA LYS A 285 45.80 20.47 -38.09
C LYS A 285 47.31 20.70 -38.09
N GLU A 286 48.03 20.30 -37.04
CA GLU A 286 49.48 20.65 -36.88
C GLU A 286 50.30 19.89 -37.94
N LYS A 287 49.74 18.83 -38.54
CA LYS A 287 50.37 18.12 -39.69
C LYS A 287 50.03 18.81 -41.03
N ILE A 288 48.83 19.36 -41.18
CA ILE A 288 48.43 20.19 -42.36
C ILE A 288 49.31 21.43 -42.39
N LYS A 289 49.41 22.13 -41.26
CA LYS A 289 50.32 23.28 -41.04
C LYS A 289 51.67 22.99 -41.71
N GLU A 290 52.35 21.93 -41.27
CA GLU A 290 53.64 21.45 -41.81
C GLU A 290 53.55 21.30 -43.34
N LEU A 291 52.56 20.61 -43.86
CA LEU A 291 52.45 20.29 -45.30
C LEU A 291 52.22 21.56 -46.12
N HIS A 292 51.46 22.53 -45.61
CA HIS A 292 51.15 23.79 -46.35
C HIS A 292 52.44 24.57 -46.59
N GLN A 293 53.25 24.73 -45.54
CA GLN A 293 54.60 25.36 -45.60
C GLN A 293 55.40 24.70 -46.72
N GLN A 294 55.42 23.37 -46.79
CA GLN A 294 56.09 22.59 -47.86
C GLN A 294 55.52 22.96 -49.24
N TYR A 295 54.20 23.07 -49.37
CA TYR A 295 53.53 23.47 -50.65
C TYR A 295 53.91 24.92 -51.01
N LYS A 296 53.93 25.86 -50.07
CA LYS A 296 54.31 27.27 -50.44
C LYS A 296 55.77 27.28 -50.91
N GLU A 297 56.66 26.58 -50.21
CA GLU A 297 58.11 26.53 -50.55
C GLU A 297 58.28 25.99 -51.96
N ALA A 298 57.59 24.92 -52.28
CA ALA A 298 57.68 24.25 -53.59
C ALA A 298 57.00 25.10 -54.66
N SER A 299 55.93 25.77 -54.27
CA SER A 299 55.08 26.64 -55.14
C SER A 299 55.86 27.90 -55.50
N GLU A 300 56.81 28.32 -54.65
CA GLU A 300 57.56 29.61 -54.76
C GLU A 300 58.82 29.44 -55.63
N VAL A 301 59.35 28.21 -55.83
CA VAL A 301 60.28 27.91 -56.97
C VAL A 301 59.60 28.38 -58.25
N LYS A 302 59.92 29.57 -58.72
CA LYS A 302 59.28 30.18 -59.91
C LYS A 302 59.66 29.37 -61.14
N PRO A 303 58.70 29.17 -62.07
CA PRO A 303 58.99 28.50 -63.34
C PRO A 303 59.80 29.47 -64.20
N PRO A 304 60.44 29.03 -65.30
CA PRO A 304 60.27 27.69 -65.84
C PRO A 304 61.04 26.63 -65.05
N ARG A 305 60.30 25.70 -64.45
CA ARG A 305 60.83 24.57 -63.63
C ARG A 305 60.69 23.28 -64.42
N ASP A 306 61.49 22.27 -64.11
CA ASP A 306 61.45 20.98 -64.82
C ASP A 306 60.22 20.26 -64.30
N ILE A 307 60.04 18.97 -64.62
CA ILE A 307 58.76 18.25 -64.37
C ILE A 307 58.71 17.67 -62.95
N THR A 308 59.85 17.39 -62.32
CA THR A 308 59.84 16.81 -60.96
C THR A 308 59.43 17.91 -59.97
N ALA A 309 59.92 19.14 -60.15
CA ALA A 309 59.51 20.32 -59.36
C ALA A 309 58.03 20.65 -59.59
N GLU A 310 57.53 20.35 -60.79
CA GLU A 310 56.14 20.61 -61.18
C GLU A 310 55.28 19.56 -60.47
N PHE A 311 55.78 18.32 -60.46
CA PHE A 311 55.13 17.17 -59.77
C PHE A 311 55.09 17.48 -58.28
N LEU A 312 56.08 18.19 -57.76
CA LEU A 312 56.16 18.43 -56.30
C LEU A 312 55.07 19.40 -55.88
N VAL A 313 54.88 20.50 -56.60
CA VAL A 313 53.72 21.38 -56.31
C VAL A 313 52.47 20.53 -56.43
N LYS A 314 52.23 19.97 -57.61
CA LYS A 314 50.96 19.29 -58.01
C LYS A 314 50.62 18.18 -57.00
N SER A 315 51.66 17.51 -56.48
CA SER A 315 51.55 16.44 -55.47
C SER A 315 51.12 17.08 -54.16
N LYS A 316 52.04 17.68 -53.40
CA LYS A 316 51.70 18.51 -52.19
C LYS A 316 50.31 19.16 -52.32
N HIS A 317 49.94 19.71 -53.47
CA HIS A 317 48.64 20.43 -53.62
C HIS A 317 47.50 19.46 -53.37
N ARG A 318 47.63 18.26 -53.92
CA ARG A 318 46.67 17.15 -53.72
C ARG A 318 46.72 16.72 -52.25
N ASP A 319 47.85 16.14 -51.83
CA ASP A 319 48.12 15.66 -50.45
C ASP A 319 47.52 16.61 -49.42
N LEU A 320 47.42 17.89 -49.71
CA LEU A 320 46.85 18.86 -48.75
C LEU A 320 45.34 18.89 -48.87
N THR A 321 44.75 19.00 -50.08
CA THR A 321 43.27 19.07 -50.28
C THR A 321 42.62 17.80 -49.72
N ALA A 322 43.36 16.68 -49.69
CA ALA A 322 43.00 15.39 -49.02
C ALA A 322 42.94 15.55 -47.49
N LEU A 323 44.06 15.96 -46.87
CA LEU A 323 44.13 16.15 -45.39
C LEU A 323 43.17 17.27 -44.99
N CYS A 324 42.83 18.20 -45.87
CA CYS A 324 41.87 19.28 -45.54
C CYS A 324 40.46 18.70 -45.53
N LYS A 325 40.22 17.65 -46.33
CA LYS A 325 38.90 17.00 -46.44
C LYS A 325 38.67 16.08 -45.23
N GLU A 326 39.68 15.29 -44.86
CA GLU A 326 39.72 14.47 -43.61
C GLU A 326 39.31 15.33 -42.41
N TYR A 327 39.96 16.48 -42.22
CA TYR A 327 39.76 17.40 -41.07
C TYR A 327 38.41 18.12 -41.21
N ASP A 328 37.83 18.21 -42.40
CA ASP A 328 36.47 18.82 -42.58
C ASP A 328 35.39 17.82 -42.14
N GLU A 329 35.66 16.51 -42.29
CA GLU A 329 34.73 15.38 -41.97
C GLU A 329 34.86 15.00 -40.48
N LEU A 330 36.07 15.06 -39.92
CA LEU A 330 36.30 14.95 -38.45
C LEU A 330 35.63 16.12 -37.75
N ALA A 331 35.55 17.30 -38.37
CA ALA A 331 35.01 18.52 -37.71
C ALA A 331 33.49 18.54 -37.82
N GLU A 332 32.90 17.82 -38.79
CA GLU A 332 31.43 17.63 -38.86
C GLU A 332 30.99 16.63 -37.78
N THR A 333 31.66 15.48 -37.66
CA THR A 333 31.34 14.45 -36.63
C THR A 333 31.84 14.91 -35.26
N GLN A 334 32.53 16.05 -35.15
CA GLN A 334 32.75 16.74 -33.85
C GLN A 334 31.42 17.37 -33.43
N GLY A 335 30.79 18.13 -34.35
CA GLY A 335 29.61 18.98 -34.09
C GLY A 335 28.38 18.16 -33.75
N LYS A 336 28.36 16.87 -34.12
CA LYS A 336 27.35 15.84 -33.74
C LYS A 336 27.47 15.52 -32.24
N LEU A 337 28.69 15.23 -31.79
CA LEU A 337 29.02 14.80 -30.41
C LEU A 337 28.84 15.95 -29.42
N GLU A 338 28.91 17.21 -29.83
CA GLU A 338 28.73 18.36 -28.90
C GLU A 338 27.25 18.64 -28.73
N GLU A 339 26.40 18.08 -29.61
CA GLU A 339 24.91 18.17 -29.49
C GLU A 339 24.39 16.98 -28.71
N LYS A 340 24.77 15.75 -29.10
CA LYS A 340 24.58 14.53 -28.27
C LYS A 340 24.90 14.87 -26.80
N LEU A 341 25.84 15.79 -26.50
CA LEU A 341 26.29 16.19 -25.14
C LEU A 341 25.46 17.32 -24.53
N GLN A 342 24.92 18.24 -25.35
CA GLN A 342 24.03 19.33 -24.87
C GLN A 342 22.63 18.74 -24.67
N GLU A 343 22.33 17.65 -25.39
CA GLU A 343 21.15 16.76 -25.21
C GLU A 343 21.18 16.12 -23.81
N LEU A 344 22.22 15.33 -23.53
CA LEU A 344 22.32 14.53 -22.28
C LEU A 344 22.42 15.49 -21.10
N GLU A 345 23.24 16.54 -21.18
CA GLU A 345 23.42 17.50 -20.06
C GLU A 345 22.18 18.39 -19.90
N ALA A 346 21.15 18.23 -20.73
CA ALA A 346 19.86 18.96 -20.65
C ALA A 346 18.72 18.03 -20.19
N ASN A 347 18.79 16.73 -20.49
CA ASN A 347 17.78 15.69 -20.14
C ASN A 347 18.30 14.77 -19.04
N PRO A 348 18.47 15.24 -17.78
CA PRO A 348 18.93 14.37 -16.70
C PRO A 348 17.81 13.42 -16.30
N PRO A 349 18.06 12.41 -15.43
CA PRO A 349 16.98 11.70 -14.78
C PRO A 349 16.72 12.47 -13.48
N SER A 350 15.86 11.92 -12.61
CA SER A 350 15.37 12.58 -11.38
C SER A 350 16.49 12.60 -10.32
N ASP A 351 16.51 13.69 -9.57
CA ASP A 351 17.52 14.03 -8.54
C ASP A 351 17.35 13.08 -7.33
N VAL A 352 16.13 13.05 -6.79
CA VAL A 352 15.74 12.40 -5.51
C VAL A 352 14.58 11.42 -5.78
N TYR A 353 14.37 10.44 -4.89
CA TYR A 353 13.13 9.62 -4.89
C TYR A 353 12.00 10.45 -4.28
N LEU A 354 12.17 10.85 -3.03
CA LEU A 354 11.24 11.79 -2.35
C LEU A 354 12.05 12.91 -1.72
N SER A 355 11.57 14.15 -1.84
CA SER A 355 12.09 15.29 -1.06
C SER A 355 11.79 14.99 0.40
N SER A 356 12.01 15.91 1.32
CA SER A 356 11.64 15.71 2.74
C SER A 356 10.27 16.31 2.99
N ARG A 357 9.83 17.24 2.15
CA ARG A 357 8.43 17.72 2.15
C ARG A 357 7.53 16.56 1.71
N ASP A 358 8.04 15.72 0.79
CA ASP A 358 7.29 14.58 0.19
C ASP A 358 7.24 13.42 1.20
N ARG A 359 8.42 12.94 1.61
CA ARG A 359 8.63 11.79 2.55
C ARG A 359 7.84 12.05 3.83
N GLN A 360 7.43 13.29 4.10
CA GLN A 360 6.64 13.68 5.31
C GLN A 360 5.15 13.60 5.02
N ILE A 361 4.72 13.97 3.82
CA ILE A 361 3.31 13.84 3.36
C ILE A 361 2.99 12.35 3.24
N LEU A 362 3.91 11.58 2.65
CA LEU A 362 3.86 10.09 2.62
C LEU A 362 3.66 9.56 4.04
N ASP A 363 4.37 10.10 5.03
CA ASP A 363 4.27 9.66 6.46
C ASP A 363 2.83 9.86 6.96
N TRP A 364 2.13 10.91 6.52
CA TRP A 364 0.71 11.12 6.89
C TRP A 364 -0.15 10.02 6.27
N HIS A 365 0.18 9.55 5.08
CA HIS A 365 -0.55 8.43 4.45
C HIS A 365 -0.32 7.15 5.26
N PHE A 366 0.89 6.96 5.78
CA PHE A 366 1.23 5.80 6.65
C PHE A 366 0.53 5.95 8.01
N ALA A 367 0.26 7.16 8.48
CA ALA A 367 -0.48 7.34 9.75
C ALA A 367 -1.93 6.91 9.54
N ASN A 368 -2.56 7.37 8.47
CA ASN A 368 -3.92 6.96 8.07
C ASN A 368 -4.02 5.44 8.07
N LEU A 369 -3.00 4.73 7.57
CA LEU A 369 -2.94 3.24 7.54
C LEU A 369 -2.78 2.73 8.97
N GLU A 370 -1.84 3.30 9.74
CA GLU A 370 -1.63 2.96 11.17
C GLU A 370 -2.93 3.25 11.95
N PHE A 371 -3.73 4.21 11.50
CA PHE A 371 -4.97 4.61 12.20
C PHE A 371 -6.05 3.58 11.95
N ALA A 372 -6.20 3.18 10.70
CA ALA A 372 -7.22 2.19 10.29
C ALA A 372 -6.91 0.84 10.95
N ASN A 373 -5.65 0.41 10.99
CA ASN A 373 -5.27 -0.94 11.49
C ASN A 373 -5.05 -0.91 13.01
N ALA A 374 -5.02 0.29 13.58
CA ALA A 374 -4.84 0.59 15.01
C ALA A 374 -3.51 -0.02 15.52
N THR A 375 -2.41 0.20 14.82
CA THR A 375 -1.09 -0.33 15.23
C THR A 375 -0.03 0.21 14.28
N PRO A 376 1.21 0.40 14.77
CA PRO A 376 2.34 0.62 13.88
C PRO A 376 2.46 -0.45 12.79
N LEU A 377 2.84 -0.05 11.58
CA LEU A 377 2.96 -0.97 10.41
C LEU A 377 4.07 -1.98 10.68
N SER A 378 4.88 -1.75 11.71
CA SER A 378 6.02 -2.62 12.05
C SER A 378 5.48 -3.91 12.66
N THR A 379 4.21 -3.91 13.08
CA THR A 379 3.55 -5.03 13.79
C THR A 379 2.59 -5.80 12.87
N LEU A 380 2.03 -5.17 11.83
CA LEU A 380 1.07 -5.81 10.89
C LEU A 380 1.76 -6.93 10.11
N SER A 381 1.08 -8.09 9.98
CA SER A 381 1.49 -9.18 9.07
C SER A 381 1.60 -8.63 7.66
N LEU A 382 2.69 -8.92 6.94
CA LEU A 382 2.77 -8.59 5.50
C LEU A 382 1.81 -9.50 4.77
N LYS A 383 1.88 -10.82 4.98
CA LYS A 383 1.07 -11.78 4.21
C LYS A 383 -0.44 -11.52 4.45
N HIS A 384 -0.87 -11.05 5.62
CA HIS A 384 -2.29 -11.23 6.06
C HIS A 384 -3.00 -9.95 6.53
N TRP A 385 -2.36 -8.79 6.57
CA TRP A 385 -2.99 -7.59 7.17
C TRP A 385 -4.31 -7.26 6.46
N ASP A 386 -4.43 -7.54 5.16
CA ASP A 386 -5.59 -7.13 4.32
C ASP A 386 -6.40 -8.38 3.97
N GLN A 387 -6.57 -9.32 4.90
CA GLN A 387 -7.29 -10.60 4.64
C GLN A 387 -8.80 -10.37 4.58
N ASP A 388 -9.35 -9.53 5.47
CA ASP A 388 -10.82 -9.27 5.53
C ASP A 388 -11.27 -8.31 4.40
N ASP A 389 -10.35 -7.91 3.50
CA ASP A 389 -10.59 -6.85 2.48
C ASP A 389 -11.60 -7.36 1.46
N ASP A 390 -11.81 -8.67 1.41
CA ASP A 390 -12.82 -9.28 0.53
C ASP A 390 -14.23 -8.94 1.00
N PHE A 391 -14.48 -8.88 2.30
CA PHE A 391 -15.85 -8.88 2.89
C PHE A 391 -16.27 -7.46 3.28
N GLU A 392 -15.55 -6.43 2.80
CA GLU A 392 -15.85 -4.98 3.07
C GLU A 392 -17.24 -4.73 2.50
N PHE A 393 -18.06 -3.91 3.17
CA PHE A 393 -19.48 -3.74 2.78
C PHE A 393 -19.56 -2.85 1.54
N THR A 394 -20.75 -2.45 1.09
CA THR A 394 -20.92 -1.45 0.02
C THR A 394 -21.68 -0.22 0.55
N GLY A 395 -21.55 0.89 -0.16
CA GLY A 395 -22.12 2.21 0.22
C GLY A 395 -21.12 3.03 0.99
N SER A 396 -21.42 4.31 1.18
CA SER A 396 -20.55 5.24 1.91
C SER A 396 -20.60 4.89 3.40
N HIS A 397 -19.46 4.99 4.06
CA HIS A 397 -19.33 4.96 5.54
C HIS A 397 -20.19 6.10 6.11
N LEU A 398 -20.67 5.92 7.34
CA LEU A 398 -21.65 6.81 8.02
C LEU A 398 -21.24 6.98 9.48
N THR A 399 -21.39 8.18 10.02
CA THR A 399 -21.30 8.43 11.47
C THR A 399 -22.69 8.25 12.04
N VAL A 400 -22.81 8.26 13.37
CA VAL A 400 -24.11 8.18 14.07
C VAL A 400 -24.34 9.52 14.76
N ARG A 401 -24.99 10.48 14.08
CA ARG A 401 -25.23 11.84 14.63
C ARG A 401 -25.70 11.70 16.08
N ASN A 402 -26.55 10.70 16.31
CA ASN A 402 -27.21 10.36 17.59
C ASN A 402 -26.21 9.99 18.70
N GLY A 403 -25.06 9.42 18.37
CA GLY A 403 -24.12 8.77 19.32
C GLY A 403 -24.36 7.28 19.36
N TYR A 404 -23.37 6.45 18.99
CA TYR A 404 -23.49 4.97 18.74
C TYR A 404 -24.01 4.25 19.99
N SER A 405 -23.72 4.78 21.19
CA SER A 405 -24.16 4.19 22.48
C SER A 405 -25.65 3.86 22.38
N CYS A 406 -26.44 4.68 21.67
CA CYS A 406 -27.91 4.48 21.52
C CYS A 406 -28.22 3.03 21.05
N VAL A 407 -27.26 2.30 20.47
CA VAL A 407 -27.44 0.88 20.02
C VAL A 407 -27.36 -0.07 21.21
N PRO A 408 -26.18 -0.29 21.84
CA PRO A 408 -26.11 -1.21 22.97
C PRO A 408 -27.12 -0.85 24.05
N VAL A 409 -27.37 0.43 24.28
CA VAL A 409 -28.42 0.83 25.26
C VAL A 409 -29.76 0.18 24.87
N ALA A 410 -30.12 0.24 23.59
CA ALA A 410 -31.38 -0.32 23.03
C ALA A 410 -31.38 -1.85 23.07
N LEU A 411 -30.20 -2.48 22.90
CA LEU A 411 -29.98 -3.95 22.94
C LEU A 411 -30.11 -4.42 24.39
N ALA A 412 -29.64 -3.60 25.33
CA ALA A 412 -29.73 -3.91 26.77
C ALA A 412 -31.20 -4.07 27.19
N GLU A 413 -32.13 -3.26 26.67
CA GLU A 413 -33.55 -3.26 27.10
C GLU A 413 -34.04 -4.71 27.26
N GLY A 414 -34.35 -5.13 28.48
CA GLY A 414 -34.99 -6.42 28.78
C GLY A 414 -34.03 -7.51 29.21
N LEU A 415 -32.76 -7.23 29.43
CA LEU A 415 -31.78 -8.27 29.84
C LEU A 415 -31.42 -8.08 31.32
N ASP A 416 -30.99 -9.17 31.98
CA ASP A 416 -30.50 -9.15 33.39
C ASP A 416 -29.02 -8.75 33.34
N ILE A 417 -28.75 -7.46 33.16
CA ILE A 417 -27.35 -6.93 33.16
C ILE A 417 -26.99 -6.53 34.61
N LYS A 418 -26.04 -7.25 35.18
CA LYS A 418 -25.44 -6.96 36.50
C LYS A 418 -24.24 -6.03 36.23
N LEU A 419 -24.35 -4.72 36.50
CA LEU A 419 -23.23 -3.76 36.28
C LEU A 419 -22.32 -3.73 37.51
N ASN A 420 -21.11 -3.21 37.33
CA ASN A 420 -20.12 -3.07 38.42
C ASN A 420 -19.81 -4.45 39.03
N THR A 421 -19.72 -5.48 38.19
CA THR A 421 -19.41 -6.87 38.60
C THR A 421 -18.22 -7.33 37.77
N ALA A 422 -17.03 -7.16 38.30
CA ALA A 422 -15.78 -7.64 37.69
C ALA A 422 -15.64 -9.13 37.91
N VAL A 423 -15.77 -9.89 36.84
CA VAL A 423 -15.40 -11.32 36.88
C VAL A 423 -13.92 -11.44 37.16
N ARG A 424 -13.59 -12.38 38.03
CA ARG A 424 -12.22 -12.64 38.53
C ARG A 424 -11.78 -14.06 38.21
N GLN A 425 -12.72 -15.01 38.19
CA GLN A 425 -12.38 -16.44 37.98
C GLN A 425 -13.56 -17.07 37.26
N VAL A 426 -13.28 -17.74 36.15
CA VAL A 426 -14.24 -18.63 35.42
C VAL A 426 -13.79 -20.07 35.67
N ARG A 427 -14.62 -20.84 36.38
CA ARG A 427 -14.40 -22.28 36.60
C ARG A 427 -15.46 -23.04 35.84
N TYR A 428 -15.04 -24.08 35.11
CA TYR A 428 -15.88 -24.85 34.16
C TYR A 428 -15.44 -26.31 34.34
N THR A 429 -16.43 -27.20 34.45
CA THR A 429 -16.24 -28.64 34.75
C THR A 429 -17.31 -29.45 34.05
N ALA A 430 -17.12 -30.77 33.99
CA ALA A 430 -18.10 -31.71 33.46
C ALA A 430 -19.53 -31.28 33.84
N SER A 431 -19.81 -31.02 35.12
CA SER A 431 -21.19 -30.85 35.67
C SER A 431 -21.72 -29.42 35.53
N GLY A 432 -20.91 -28.48 35.06
CA GLY A 432 -21.30 -27.06 34.87
C GLY A 432 -20.19 -26.09 35.28
N CYS A 433 -20.52 -24.81 35.46
CA CYS A 433 -19.54 -23.70 35.70
C CYS A 433 -19.95 -22.81 36.88
N GLU A 434 -18.96 -22.31 37.60
CA GLU A 434 -19.08 -21.18 38.54
C GLU A 434 -18.28 -20.05 37.92
N VAL A 435 -18.87 -18.86 37.81
CA VAL A 435 -18.12 -17.58 37.66
C VAL A 435 -18.09 -16.91 39.02
N ILE A 436 -16.91 -16.50 39.48
CA ILE A 436 -16.70 -15.67 40.70
C ILE A 436 -16.39 -14.23 40.28
N ALA A 437 -17.18 -13.26 40.75
CA ALA A 437 -16.99 -11.81 40.46
C ALA A 437 -16.91 -11.01 41.77
N VAL A 438 -16.66 -9.72 41.67
CA VAL A 438 -16.62 -8.80 42.84
C VAL A 438 -17.32 -7.51 42.43
N ASN A 439 -17.80 -6.72 43.40
CA ASN A 439 -18.20 -5.31 43.18
C ASN A 439 -16.96 -4.46 42.91
N THR A 440 -16.92 -3.82 41.73
CA THR A 440 -15.80 -2.93 41.32
C THR A 440 -15.76 -1.74 42.26
N ARG A 441 -16.86 -1.40 42.92
CA ARG A 441 -16.90 -0.28 43.89
C ARG A 441 -16.22 -0.75 45.20
N SER A 442 -16.85 -1.57 46.04
CA SER A 442 -16.19 -2.25 47.20
C SER A 442 -15.87 -3.69 46.80
N THR A 443 -14.58 -4.02 46.74
CA THR A 443 -13.97 -5.15 45.99
C THR A 443 -13.84 -6.37 46.91
N SER A 444 -13.93 -6.20 48.23
CA SER A 444 -14.03 -7.30 49.22
C SER A 444 -15.32 -8.10 48.98
N GLN A 445 -16.44 -7.43 48.70
CA GLN A 445 -17.76 -8.03 48.36
C GLN A 445 -17.63 -9.01 47.17
N THR A 446 -17.89 -10.32 47.37
CA THR A 446 -17.69 -11.39 46.35
C THR A 446 -19.02 -12.04 45.94
N PHE A 447 -19.17 -12.35 44.66
CA PHE A 447 -20.38 -12.91 44.00
C PHE A 447 -20.04 -14.23 43.28
N ILE A 448 -20.91 -15.25 43.43
CA ILE A 448 -20.77 -16.57 42.75
C ILE A 448 -22.00 -16.78 41.86
N TYR A 449 -21.76 -17.08 40.58
CA TYR A 449 -22.82 -17.40 39.60
C TYR A 449 -22.62 -18.84 39.12
N LYS A 450 -23.67 -19.63 39.26
CA LYS A 450 -23.72 -21.04 38.79
C LYS A 450 -24.42 -21.05 37.43
N CYS A 451 -23.98 -21.89 36.49
CA CYS A 451 -24.52 -21.93 35.11
C CYS A 451 -24.08 -23.19 34.36
N ASP A 452 -24.86 -23.57 33.34
CA ASP A 452 -24.54 -24.64 32.37
C ASP A 452 -23.43 -24.19 31.39
N ALA A 453 -23.40 -22.92 31.03
CA ALA A 453 -22.45 -22.39 30.04
C ALA A 453 -21.99 -20.98 30.42
N VAL A 454 -20.72 -20.70 30.15
CA VAL A 454 -20.13 -19.33 30.21
C VAL A 454 -19.83 -18.89 28.78
N LEU A 455 -20.31 -17.72 28.41
CA LEU A 455 -19.94 -17.03 27.14
C LEU A 455 -19.07 -15.82 27.48
N CYS A 456 -17.82 -15.83 27.00
CA CYS A 456 -16.73 -14.89 27.32
C CYS A 456 -16.52 -13.84 26.21
N THR A 457 -17.08 -12.64 26.37
CA THR A 457 -16.85 -11.49 25.45
C THR A 457 -15.65 -10.64 25.94
N LEU A 458 -14.97 -11.06 27.00
CA LEU A 458 -13.67 -10.47 27.41
C LEU A 458 -12.84 -10.13 26.17
N PRO A 459 -12.49 -8.82 26.02
CA PRO A 459 -11.59 -8.30 25.00
C PRO A 459 -10.22 -8.98 24.90
N LEU A 460 -9.61 -8.96 23.72
CA LEU A 460 -8.34 -9.71 23.55
C LEU A 460 -7.30 -9.07 24.46
N GLY A 461 -7.38 -7.75 24.65
CA GLY A 461 -6.47 -7.04 25.56
C GLY A 461 -6.47 -7.62 26.96
N VAL A 462 -7.67 -7.94 27.46
CA VAL A 462 -7.91 -8.45 28.83
C VAL A 462 -7.40 -9.90 28.87
N LEU A 463 -7.79 -10.67 27.87
CA LEU A 463 -7.37 -12.08 27.70
C LEU A 463 -5.85 -12.13 27.66
N LYS A 464 -5.17 -11.07 27.25
CA LYS A 464 -3.70 -11.12 27.11
C LYS A 464 -3.01 -10.82 28.46
N GLN A 465 -3.65 -10.09 29.41
CA GLN A 465 -2.84 -9.42 30.48
C GLN A 465 -2.20 -10.49 31.37
N GLN A 466 -0.95 -10.21 31.79
CA GLN A 466 -0.13 -10.94 32.79
C GLN A 466 0.37 -9.94 33.84
N PRO A 467 0.19 -10.23 35.15
CA PRO A 467 -0.54 -11.42 35.58
C PRO A 467 -2.01 -11.27 35.20
N PRO A 468 -2.75 -12.37 34.98
CA PRO A 468 -4.06 -12.26 34.33
C PRO A 468 -5.13 -11.65 35.24
N ALA A 469 -6.05 -10.86 34.67
CA ALA A 469 -7.20 -10.20 35.35
C ALA A 469 -8.29 -11.23 35.68
N VAL A 470 -8.44 -12.21 34.79
CA VAL A 470 -9.43 -13.31 34.88
C VAL A 470 -8.65 -14.61 34.78
N GLN A 471 -8.87 -15.46 35.77
CA GLN A 471 -8.25 -16.79 35.91
C GLN A 471 -9.26 -17.81 35.41
N PHE A 472 -8.79 -18.73 34.57
CA PHE A 472 -9.59 -19.87 34.08
C PHE A 472 -9.19 -21.14 34.89
N VAL A 473 -10.22 -21.87 35.33
CA VAL A 473 -10.04 -23.04 36.21
C VAL A 473 -10.88 -24.19 35.65
N PRO A 474 -10.22 -25.11 34.90
CA PRO A 474 -8.76 -25.14 34.81
C PRO A 474 -8.21 -24.21 33.73
N PRO A 475 -6.89 -24.12 33.53
CA PRO A 475 -6.35 -23.20 32.55
C PRO A 475 -6.85 -23.50 31.14
N LEU A 476 -7.04 -22.43 30.37
CA LEU A 476 -7.23 -22.47 28.91
C LEU A 476 -6.03 -23.25 28.38
N PRO A 477 -6.26 -24.19 27.43
CA PRO A 477 -5.22 -25.06 26.90
C PRO A 477 -4.26 -24.31 25.99
N GLU A 478 -3.01 -24.77 25.85
CA GLU A 478 -1.96 -24.03 25.10
C GLU A 478 -2.55 -23.49 23.79
N TRP A 479 -3.16 -24.35 22.95
CA TRP A 479 -3.63 -23.94 21.61
C TRP A 479 -4.46 -22.64 21.63
N LYS A 480 -5.19 -22.41 22.72
CA LYS A 480 -6.00 -21.18 22.91
C LYS A 480 -5.09 -20.02 23.32
N THR A 481 -4.23 -20.22 24.30
CA THR A 481 -3.46 -19.12 24.95
C THR A 481 -2.42 -18.62 23.93
N SER A 482 -1.78 -19.56 23.23
CA SER A 482 -0.82 -19.36 22.11
C SER A 482 -1.41 -18.42 21.06
N ALA A 483 -2.67 -18.63 20.71
CA ALA A 483 -3.43 -17.80 19.76
C ALA A 483 -3.59 -16.41 20.34
N VAL A 484 -3.94 -16.34 21.62
CA VAL A 484 -4.10 -15.05 22.32
C VAL A 484 -2.75 -14.33 22.29
N GLN A 485 -1.64 -15.04 22.52
CA GLN A 485 -0.27 -14.47 22.35
C GLN A 485 -0.05 -14.01 20.91
N ARG A 486 -0.36 -14.83 19.91
CA ARG A 486 0.05 -14.58 18.51
C ARG A 486 -0.74 -13.39 17.98
N MET A 487 -2.03 -13.35 18.29
CA MET A 487 -2.98 -12.35 17.73
C MET A 487 -2.55 -10.97 18.21
N GLY A 488 -2.93 -9.93 17.52
CA GLY A 488 -2.50 -8.56 17.86
C GLY A 488 -3.64 -7.73 18.42
N PHE A 489 -3.39 -7.02 19.51
CA PHE A 489 -4.40 -6.10 20.07
C PHE A 489 -3.77 -4.72 20.02
N GLY A 490 -4.48 -3.80 19.36
CA GLY A 490 -3.95 -2.50 18.91
C GLY A 490 -4.45 -1.37 19.80
N ASN A 491 -4.38 -0.14 19.30
CA ASN A 491 -4.50 1.12 20.10
C ASN A 491 -4.59 2.31 19.13
N LEU A 492 -5.41 3.25 19.55
CA LEU A 492 -5.96 4.36 18.76
C LEU A 492 -6.69 5.22 19.79
N ASN A 493 -6.47 6.52 19.87
CA ASN A 493 -7.13 7.38 20.90
C ASN A 493 -7.73 8.62 20.24
N LYS A 494 -8.82 9.14 20.78
CA LYS A 494 -9.45 10.37 20.26
C LYS A 494 -9.30 11.50 21.29
N VAL A 495 -9.41 12.74 20.82
CA VAL A 495 -9.48 13.98 21.63
C VAL A 495 -10.71 14.74 21.19
N VAL A 496 -11.65 14.98 22.09
CA VAL A 496 -12.92 15.65 21.74
C VAL A 496 -12.79 17.12 22.11
N LEU A 497 -12.96 17.99 21.11
CA LEU A 497 -12.87 19.47 21.24
C LEU A 497 -14.25 20.03 20.89
N CYS A 498 -15.00 20.42 21.93
CA CYS A 498 -16.31 21.09 21.82
C CYS A 498 -16.10 22.60 21.92
N PHE A 499 -16.34 23.34 20.83
CA PHE A 499 -16.24 24.82 20.80
C PHE A 499 -17.66 25.41 20.83
N ASP A 500 -17.75 26.73 20.82
CA ASP A 500 -19.04 27.49 20.88
C ASP A 500 -19.55 27.80 19.45
N ARG A 501 -18.62 28.07 18.51
CA ARG A 501 -18.97 28.26 17.07
C ARG A 501 -18.00 27.49 16.17
N VAL A 502 -18.44 27.24 14.94
CA VAL A 502 -17.67 26.53 13.87
C VAL A 502 -16.67 27.53 13.28
N PHE A 503 -15.39 27.20 13.28
CA PHE A 503 -14.30 28.02 12.68
C PHE A 503 -13.58 27.23 11.58
N TRP A 504 -14.13 26.12 11.13
CA TRP A 504 -13.51 25.27 10.09
C TRP A 504 -14.47 25.23 8.92
N ASP A 505 -14.14 24.47 7.87
CA ASP A 505 -14.98 24.39 6.65
C ASP A 505 -16.12 23.41 6.91
N PRO A 506 -17.36 23.89 7.11
CA PRO A 506 -18.48 23.01 7.44
C PRO A 506 -18.74 21.91 6.40
N SER A 507 -18.41 22.14 5.12
CA SER A 507 -18.64 21.19 4.00
C SER A 507 -17.45 20.24 3.84
N VAL A 508 -16.43 20.36 4.70
CA VAL A 508 -15.33 19.35 4.81
C VAL A 508 -15.55 18.53 6.09
N ASN A 509 -15.72 17.20 5.94
CA ASN A 509 -15.95 16.25 7.06
C ASN A 509 -14.65 16.06 7.84
N LEU A 510 -13.52 15.97 7.15
CA LEU A 510 -12.21 15.74 7.80
C LEU A 510 -11.06 16.43 7.05
N PHE A 511 -9.94 16.60 7.76
CA PHE A 511 -8.69 17.24 7.29
C PHE A 511 -7.55 16.85 8.21
N GLY A 512 -6.33 16.86 7.67
CA GLY A 512 -5.15 16.24 8.31
C GLY A 512 -4.07 17.27 8.57
N HIS A 513 -3.25 16.99 9.59
CA HIS A 513 -2.01 17.71 9.91
C HIS A 513 -0.84 16.76 9.60
N VAL A 514 0.20 17.26 8.95
CA VAL A 514 1.41 16.46 8.57
C VAL A 514 2.49 16.77 9.60
N GLY A 515 2.98 15.76 10.30
CA GLY A 515 3.99 15.97 11.34
C GLY A 515 5.36 16.14 10.72
N SER A 516 6.28 16.76 11.46
CA SER A 516 7.65 17.10 10.99
C SER A 516 8.55 15.85 10.95
N THR A 517 8.29 14.83 11.80
CA THR A 517 9.08 13.58 11.83
C THR A 517 8.21 12.36 11.58
N THR A 518 8.81 11.33 10.98
CA THR A 518 8.29 9.93 10.88
C THR A 518 7.82 9.51 12.26
N ALA A 519 8.64 9.77 13.28
CA ALA A 519 8.48 9.23 14.66
C ALA A 519 7.15 9.64 15.25
N SER A 520 6.47 10.63 14.68
CA SER A 520 5.20 11.19 15.21
C SER A 520 4.23 11.44 14.05
N ARG A 521 4.22 10.56 13.04
CA ARG A 521 3.23 10.65 11.93
C ARG A 521 1.83 10.64 12.57
N GLY A 522 1.67 10.06 13.77
CA GLY A 522 0.36 9.73 14.37
C GLY A 522 -0.20 10.86 15.24
N GLU A 523 0.66 11.73 15.77
CA GLU A 523 0.27 12.75 16.79
C GLU A 523 -0.72 13.74 16.19
N LEU A 524 -2.00 13.56 16.48
CA LEU A 524 -3.07 14.49 16.10
C LEU A 524 -3.00 14.71 14.59
N PHE A 525 -3.04 13.61 13.85
CA PHE A 525 -2.74 13.57 12.40
C PHE A 525 -4.00 13.85 11.59
N LEU A 526 -5.17 13.89 12.22
CA LEU A 526 -6.46 13.96 11.47
C LEU A 526 -7.56 14.54 12.36
N PHE A 527 -8.56 15.23 11.78
CA PHE A 527 -9.64 15.95 12.51
C PHE A 527 -11.00 15.71 11.82
N TRP A 528 -12.02 15.17 12.52
CA TRP A 528 -13.43 15.05 12.04
C TRP A 528 -14.30 16.18 12.59
N ASN A 529 -15.41 16.49 11.91
CA ASN A 529 -16.64 16.99 12.60
C ASN A 529 -17.79 15.98 12.46
N LEU A 530 -18.40 15.63 13.60
CA LEU A 530 -19.82 15.19 13.78
C LEU A 530 -20.72 16.20 13.06
N TYR A 531 -20.32 17.48 13.10
CA TYR A 531 -20.83 18.62 12.30
C TYR A 531 -22.23 19.03 12.76
N LYS A 532 -22.94 18.13 13.46
CA LYS A 532 -24.21 18.42 14.16
C LYS A 532 -24.04 19.73 14.95
N ALA A 533 -23.44 19.64 16.15
CA ALA A 533 -22.93 20.76 16.97
C ALA A 533 -21.49 21.06 16.55
N PRO A 534 -20.83 22.10 17.11
CA PRO A 534 -19.45 22.41 16.78
C PRO A 534 -18.43 21.60 17.58
N ILE A 535 -18.20 20.36 17.20
CA ILE A 535 -17.21 19.45 17.83
C ILE A 535 -16.16 19.06 16.79
N LEU A 536 -14.90 18.97 17.20
CA LEU A 536 -13.80 18.42 16.36
C LEU A 536 -13.19 17.22 17.08
N LEU A 537 -13.25 16.03 16.48
CA LEU A 537 -12.44 14.89 16.96
C LEU A 537 -11.06 15.04 16.37
N ALA A 538 -10.04 14.68 17.13
CA ALA A 538 -8.63 14.66 16.70
C ALA A 538 -8.07 13.26 17.00
N LEU A 539 -7.63 12.54 15.99
CA LEU A 539 -7.17 11.15 16.20
C LEU A 539 -5.67 11.11 16.50
N VAL A 540 -5.27 10.29 17.48
CA VAL A 540 -3.86 9.90 17.75
C VAL A 540 -3.68 8.45 17.32
N ALA A 541 -2.74 8.16 16.42
CA ALA A 541 -2.54 6.79 15.88
C ALA A 541 -1.09 6.34 16.02
N GLY A 542 -0.80 5.10 15.63
CA GLY A 542 0.57 4.60 15.45
C GLY A 542 1.35 4.60 16.74
N GLU A 543 2.68 4.67 16.68
CA GLU A 543 3.55 4.53 17.89
C GLU A 543 3.09 5.57 18.92
N ALA A 544 2.55 6.69 18.40
CA ALA A 544 2.12 7.92 19.11
C ALA A 544 1.00 7.65 20.10
N ALA A 545 -0.06 6.95 19.69
CA ALA A 545 -1.22 6.59 20.57
C ALA A 545 -0.72 6.14 21.93
N GLY A 546 0.20 5.16 21.91
CA GLY A 546 0.78 4.53 23.11
C GLY A 546 1.46 5.51 24.05
N ILE A 547 2.15 6.50 23.50
CA ILE A 547 3.04 7.45 24.23
C ILE A 547 2.21 8.62 24.77
N MET A 548 1.21 9.07 23.99
CA MET A 548 0.35 10.22 24.36
C MET A 548 -0.56 9.81 25.51
N GLU A 549 -0.50 8.55 25.94
CA GLU A 549 -1.36 8.12 27.07
C GLU A 549 -0.73 8.67 28.35
N ASN A 550 0.59 8.87 28.42
CA ASN A 550 1.23 9.49 29.63
C ASN A 550 1.46 10.98 29.42
N ILE A 551 0.51 11.71 28.85
CA ILE A 551 0.65 13.17 28.64
C ILE A 551 -0.69 13.84 28.99
N SER A 552 -0.72 14.68 30.03
CA SER A 552 -1.94 15.30 30.61
C SER A 552 -2.85 15.85 29.51
N ASP A 553 -4.16 15.87 29.75
CA ASP A 553 -5.19 16.29 28.75
C ASP A 553 -4.92 17.73 28.34
N ASP A 554 -4.52 18.56 29.31
CA ASP A 554 -4.21 20.00 29.09
C ASP A 554 -3.11 20.12 28.03
N VAL A 555 -2.07 19.29 28.10
CA VAL A 555 -0.94 19.33 27.13
C VAL A 555 -1.44 18.87 25.76
N ILE A 556 -2.26 17.82 25.71
CA ILE A 556 -2.73 17.25 24.42
C ILE A 556 -3.60 18.29 23.74
N VAL A 557 -4.49 18.92 24.51
CA VAL A 557 -5.43 19.98 23.99
C VAL A 557 -4.57 21.19 23.57
N GLY A 558 -3.40 21.34 24.20
CA GLY A 558 -2.41 22.37 23.82
C GLY A 558 -1.87 22.10 22.45
N ARG A 559 -1.31 20.91 22.25
CA ARG A 559 -0.73 20.49 20.96
C ARG A 559 -1.82 20.62 19.88
N CYS A 560 -3.09 20.35 20.22
CA CYS A 560 -4.29 20.41 19.33
C CYS A 560 -4.54 21.85 18.85
N LEU A 561 -4.74 22.77 19.79
CA LEU A 561 -5.03 24.20 19.49
C LEU A 561 -3.83 24.80 18.74
N ALA A 562 -2.61 24.44 19.16
CA ALA A 562 -1.34 24.73 18.45
C ALA A 562 -1.58 24.50 16.96
N ILE A 563 -1.91 23.25 16.59
CA ILE A 563 -2.08 22.81 15.18
C ILE A 563 -3.23 23.59 14.54
N LEU A 564 -4.42 23.55 15.13
CA LEU A 564 -5.66 24.20 14.62
C LEU A 564 -5.41 25.69 14.33
N LYS A 565 -4.68 26.38 15.21
CA LYS A 565 -4.32 27.82 15.04
C LYS A 565 -3.38 27.97 13.85
N GLY A 566 -2.37 27.11 13.75
CA GLY A 566 -1.51 26.96 12.57
C GLY A 566 -2.33 27.02 11.29
N ILE A 567 -3.46 26.33 11.25
CA ILE A 567 -4.24 26.13 9.98
C ILE A 567 -5.27 27.25 9.80
N PHE A 568 -5.94 27.74 10.85
CA PHE A 568 -7.18 28.55 10.71
C PHE A 568 -7.00 30.02 11.14
N GLY A 569 -5.86 30.38 11.74
CA GLY A 569 -5.60 31.70 12.37
C GLY A 569 -5.50 31.56 13.88
N SER A 570 -5.11 32.60 14.60
CA SER A 570 -4.97 32.60 16.09
C SER A 570 -6.27 33.12 16.72
N SER A 571 -6.77 34.25 16.21
CA SER A 571 -8.02 34.90 16.67
C SER A 571 -9.22 34.13 16.13
N ALA A 572 -9.00 33.18 15.21
CA ALA A 572 -10.07 32.32 14.64
C ALA A 572 -10.51 31.26 15.66
N VAL A 573 -9.57 30.66 16.41
CA VAL A 573 -9.72 29.41 17.22
C VAL A 573 -9.84 29.75 18.70
N PRO A 574 -11.05 29.62 19.32
CA PRO A 574 -11.25 30.02 20.71
C PRO A 574 -10.81 28.85 21.59
N GLN A 575 -10.89 29.03 22.91
CA GLN A 575 -10.69 27.92 23.87
C GLN A 575 -11.92 27.02 23.78
N PRO A 576 -11.75 25.68 23.91
CA PRO A 576 -12.90 24.80 23.97
C PRO A 576 -13.65 24.93 25.30
N LYS A 577 -14.98 24.73 25.28
CA LYS A 577 -15.86 24.65 26.48
C LYS A 577 -15.59 23.36 27.25
N GLU A 578 -15.41 22.24 26.53
CA GLU A 578 -15.29 20.86 27.05
C GLU A 578 -14.29 20.10 26.18
N THR A 579 -13.41 19.31 26.79
CA THR A 579 -12.48 18.39 26.10
C THR A 579 -12.46 17.05 26.81
N VAL A 580 -12.32 15.97 26.05
CA VAL A 580 -12.10 14.57 26.53
C VAL A 580 -10.95 13.96 25.76
N VAL A 581 -10.21 13.05 26.39
CA VAL A 581 -9.14 12.26 25.72
C VAL A 581 -9.36 10.80 26.05
N SER A 582 -9.55 9.94 25.06
CA SER A 582 -9.49 8.46 25.20
C SER A 582 -8.06 8.05 25.58
N ARG A 583 -7.96 7.08 26.49
CA ARG A 583 -6.70 6.40 26.87
C ARG A 583 -7.05 4.91 26.97
N TRP A 584 -7.23 4.26 25.81
CA TRP A 584 -7.79 2.89 25.67
C TRP A 584 -6.82 1.85 26.20
N ARG A 585 -5.51 1.99 25.97
CA ARG A 585 -4.55 0.93 26.34
C ARG A 585 -4.53 0.87 27.87
N ALA A 586 -4.74 2.02 28.48
CA ALA A 586 -4.72 2.19 29.95
C ALA A 586 -5.99 1.62 30.58
N ASP A 587 -7.12 1.77 29.89
CA ASP A 587 -8.45 1.30 30.36
C ASP A 587 -8.38 -0.21 30.60
N PRO A 588 -8.55 -0.64 31.85
CA PRO A 588 -8.30 -2.05 32.22
C PRO A 588 -9.35 -3.07 31.78
N TRP A 589 -10.51 -2.61 31.29
CA TRP A 589 -11.65 -3.40 30.73
C TRP A 589 -11.58 -3.47 29.20
N ALA A 590 -10.41 -3.11 28.66
CA ALA A 590 -10.15 -3.00 27.20
C ALA A 590 -8.68 -3.33 26.96
N ARG A 591 -7.77 -2.65 27.63
CA ARG A 591 -6.33 -2.94 27.45
C ARG A 591 -5.94 -2.69 25.98
N GLY A 592 -6.63 -1.74 25.31
CA GLY A 592 -6.42 -1.34 23.91
C GLY A 592 -7.72 -1.16 23.12
N SER A 593 -7.61 -1.03 21.79
CA SER A 593 -8.64 -0.57 20.84
C SER A 593 -9.36 -1.75 20.21
N TYR A 594 -8.67 -2.52 19.36
CA TYR A 594 -9.23 -3.68 18.64
C TYR A 594 -8.11 -4.53 18.02
N SER A 595 -8.45 -5.77 17.67
CA SER A 595 -7.54 -6.79 17.08
C SER A 595 -6.87 -6.24 15.81
N TYR A 596 -5.77 -6.87 15.40
CA TYR A 596 -5.02 -6.61 14.13
C TYR A 596 -4.29 -7.89 13.79
N VAL A 597 -3.99 -8.09 12.52
CA VAL A 597 -3.30 -9.35 12.14
C VAL A 597 -1.80 -9.12 12.33
N ALA A 598 -1.28 -9.44 13.50
CA ALA A 598 0.15 -9.25 13.77
C ALA A 598 0.96 -10.12 12.83
N ALA A 599 2.20 -9.74 12.54
CA ALA A 599 3.18 -10.63 11.89
C ALA A 599 3.28 -11.92 12.71
N GLY A 600 3.19 -13.07 12.02
CA GLY A 600 3.24 -14.43 12.60
C GLY A 600 1.92 -14.89 13.21
N SER A 601 0.85 -14.09 13.09
CA SER A 601 -0.57 -14.52 13.19
C SER A 601 -1.00 -14.84 11.76
N SER A 602 -2.17 -15.46 11.63
CA SER A 602 -2.98 -15.53 10.39
C SER A 602 -4.42 -15.20 10.78
N GLY A 603 -5.34 -15.28 9.80
CA GLY A 603 -6.78 -15.24 10.07
C GLY A 603 -7.17 -16.46 10.88
N ASN A 604 -6.38 -17.52 10.77
CA ASN A 604 -6.73 -18.82 11.39
C ASN A 604 -6.72 -18.68 12.92
N ASP A 605 -6.05 -17.70 13.52
CA ASP A 605 -6.09 -17.56 14.99
C ASP A 605 -7.49 -17.09 15.36
N TYR A 606 -8.07 -16.16 14.62
CA TYR A 606 -9.48 -15.68 14.82
C TYR A 606 -10.41 -16.91 14.97
N ASP A 607 -10.10 -18.01 14.28
CA ASP A 607 -10.95 -19.23 14.31
C ASP A 607 -10.67 -20.03 15.58
N LEU A 608 -9.42 -20.31 15.90
CA LEU A 608 -9.04 -20.82 17.25
C LEU A 608 -9.72 -20.01 18.35
N MET A 609 -9.71 -18.68 18.29
CA MET A 609 -10.28 -17.86 19.39
C MET A 609 -11.77 -18.18 19.56
N ALA A 610 -12.48 -18.61 18.52
CA ALA A 610 -13.93 -18.85 18.65
C ALA A 610 -14.25 -20.28 19.16
N GLN A 611 -13.35 -21.26 18.98
CA GLN A 611 -13.62 -22.67 19.29
C GLN A 611 -13.83 -22.78 20.77
N PRO A 612 -15.00 -23.26 21.24
CA PRO A 612 -15.23 -23.40 22.67
C PRO A 612 -14.35 -24.46 23.34
N ILE A 613 -14.26 -24.40 24.67
CA ILE A 613 -13.44 -25.29 25.52
C ILE A 613 -14.34 -26.36 26.17
N THR A 614 -13.93 -27.62 26.09
CA THR A 614 -14.67 -28.74 26.71
C THR A 614 -13.88 -29.25 27.93
N PRO A 615 -14.44 -29.18 29.16
CA PRO A 615 -13.74 -29.68 30.34
C PRO A 615 -13.40 -31.16 30.20
N GLY A 616 -12.36 -31.66 30.87
CA GLY A 616 -12.15 -33.11 31.06
C GLY A 616 -13.31 -33.74 31.85
N PRO A 617 -13.36 -35.09 31.94
CA PRO A 617 -14.48 -35.76 32.62
C PRO A 617 -14.15 -35.72 34.11
N SER A 618 -15.15 -35.71 34.98
CA SER A 618 -14.96 -35.62 36.46
C SER A 618 -14.61 -37.01 37.02
N ILE A 619 -15.46 -38.02 36.83
CA ILE A 619 -15.13 -39.45 37.13
C ILE A 619 -14.37 -40.00 35.93
N PRO A 620 -13.14 -40.57 36.08
CA PRO A 620 -12.52 -41.32 34.98
C PRO A 620 -13.41 -42.46 34.46
N GLY A 621 -13.47 -42.60 33.13
CA GLY A 621 -14.34 -43.54 32.40
C GLY A 621 -15.78 -43.04 32.35
N ALA A 622 -16.01 -41.89 31.73
CA ALA A 622 -17.31 -41.20 31.77
C ALA A 622 -17.58 -40.52 30.45
N PRO A 623 -18.82 -40.53 29.93
CA PRO A 623 -19.07 -39.95 28.62
C PRO A 623 -18.33 -38.61 28.55
N GLN A 624 -17.61 -38.45 27.43
CA GLN A 624 -17.11 -37.18 26.87
C GLN A 624 -18.11 -36.07 27.17
N PRO A 625 -17.77 -35.11 28.06
CA PRO A 625 -18.69 -34.02 28.36
C PRO A 625 -18.96 -33.14 27.13
N ILE A 626 -20.01 -32.34 27.24
CA ILE A 626 -20.39 -31.27 26.29
C ILE A 626 -19.43 -30.10 26.50
N PRO A 627 -19.19 -29.22 25.51
CA PRO A 627 -18.58 -27.91 25.75
C PRO A 627 -19.35 -26.96 26.68
N ARG A 628 -18.60 -26.25 27.55
CA ARG A 628 -19.13 -25.41 28.65
C ARG A 628 -18.73 -23.94 28.51
N LEU A 629 -17.54 -23.65 27.99
CA LEU A 629 -16.98 -22.26 27.93
C LEU A 629 -16.82 -21.84 26.47
N PHE A 630 -17.56 -20.80 26.06
CA PHE A 630 -17.72 -20.28 24.67
C PHE A 630 -17.14 -18.87 24.56
N PHE A 631 -16.69 -18.45 23.38
CA PHE A 631 -16.06 -17.12 23.18
C PHE A 631 -16.71 -16.37 22.03
N ALA A 632 -17.19 -15.16 22.27
CA ALA A 632 -17.56 -14.22 21.21
C ALA A 632 -16.77 -12.94 21.44
N GLY A 633 -16.89 -11.99 20.52
CA GLY A 633 -16.02 -10.81 20.47
C GLY A 633 -15.45 -10.55 19.07
N GLU A 634 -15.33 -9.27 18.75
CA GLU A 634 -14.53 -8.65 17.68
C GLU A 634 -13.31 -9.51 17.29
N HIS A 635 -12.69 -10.24 18.22
CA HIS A 635 -11.42 -10.98 17.95
C HIS A 635 -11.70 -12.44 17.59
N THR A 636 -12.96 -12.85 17.46
CA THR A 636 -13.35 -14.28 17.24
C THR A 636 -13.89 -14.50 15.83
N ILE A 637 -13.99 -13.43 15.05
CA ILE A 637 -14.74 -13.47 13.77
C ILE A 637 -13.77 -13.07 12.66
N ARG A 638 -13.27 -14.09 11.97
CA ARG A 638 -12.19 -14.05 10.96
C ARG A 638 -12.49 -13.00 9.89
N ASN A 639 -13.74 -12.90 9.44
CA ASN A 639 -14.06 -12.14 8.20
C ASN A 639 -14.54 -10.73 8.52
N TYR A 640 -14.82 -10.41 9.79
CA TYR A 640 -15.33 -9.08 10.18
C TYR A 640 -14.69 -8.63 11.49
N PRO A 641 -13.38 -8.86 11.71
CA PRO A 641 -12.76 -8.49 12.97
C PRO A 641 -12.75 -6.98 13.19
N ALA A 642 -12.36 -6.63 14.41
CA ALA A 642 -12.19 -5.26 14.92
C ALA A 642 -13.31 -4.34 14.46
N THR A 643 -14.56 -4.77 14.47
CA THR A 643 -15.69 -3.87 14.18
C THR A 643 -16.79 -4.12 15.19
N VAL A 644 -17.89 -3.37 15.06
CA VAL A 644 -19.16 -3.55 15.80
C VAL A 644 -19.93 -4.66 15.10
N HIS A 645 -20.14 -4.57 13.80
CA HIS A 645 -20.87 -5.62 13.06
C HIS A 645 -20.21 -6.98 13.33
N GLY A 646 -18.88 -7.04 13.43
CA GLY A 646 -18.19 -8.32 13.67
C GLY A 646 -18.51 -8.80 15.05
N ALA A 647 -18.44 -7.93 16.03
CA ALA A 647 -18.90 -8.26 17.38
C ALA A 647 -20.32 -8.83 17.29
N LEU A 648 -21.23 -8.02 16.77
CA LEU A 648 -22.67 -8.36 16.76
C LEU A 648 -22.85 -9.72 16.09
N LEU A 649 -22.10 -9.99 15.03
CA LEU A 649 -22.23 -11.29 14.31
C LEU A 649 -21.67 -12.41 15.17
N SER A 650 -20.57 -12.15 15.89
CA SER A 650 -19.86 -13.16 16.74
C SER A 650 -20.79 -13.60 17.87
N GLY A 651 -21.62 -12.69 18.35
CA GLY A 651 -22.62 -12.97 19.41
C GLY A 651 -23.75 -13.80 18.84
N LEU A 652 -24.36 -13.33 17.76
CA LEU A 652 -25.44 -14.06 17.05
C LEU A 652 -25.04 -15.53 16.88
N ARG A 653 -23.72 -15.75 16.64
CA ARG A 653 -23.07 -17.04 16.31
C ARG A 653 -23.00 -17.89 17.57
N GLU A 654 -22.31 -17.43 18.60
CA GLU A 654 -22.20 -18.17 19.87
C GLU A 654 -23.60 -18.44 20.42
N ALA A 655 -24.58 -17.58 20.21
CA ALA A 655 -25.97 -17.89 20.63
C ALA A 655 -26.41 -19.19 19.96
N GLY A 656 -26.44 -19.24 18.63
CA GLY A 656 -26.70 -20.50 17.88
C GLY A 656 -25.91 -21.67 18.46
N ARG A 657 -24.59 -21.57 18.61
CA ARG A 657 -23.71 -22.70 19.05
C ARG A 657 -24.22 -23.26 20.38
N ILE A 658 -24.54 -22.37 21.32
CA ILE A 658 -25.01 -22.67 22.70
C ILE A 658 -26.43 -23.23 22.64
N ALA A 659 -27.33 -22.70 21.83
CA ALA A 659 -28.69 -23.28 21.80
C ALA A 659 -28.59 -24.67 21.16
N ASP A 660 -27.98 -24.81 19.99
CA ASP A 660 -27.73 -26.13 19.34
C ASP A 660 -27.28 -27.11 20.45
N GLN A 661 -26.35 -26.70 21.30
CA GLN A 661 -25.76 -27.55 22.36
C GLN A 661 -26.74 -27.83 23.51
N PHE A 662 -27.45 -26.83 24.02
CA PHE A 662 -28.22 -26.95 25.30
C PHE A 662 -29.73 -27.07 25.06
N LEU A 663 -30.26 -26.73 23.88
CA LEU A 663 -31.71 -26.91 23.60
C LEU A 663 -31.88 -27.86 22.42
N GLY A 664 -30.80 -28.45 21.89
CA GLY A 664 -30.83 -29.42 20.77
C GLY A 664 -31.19 -28.77 19.43
N ALA A 665 -30.50 -29.14 18.36
CA ALA A 665 -30.37 -28.36 17.09
C ALA A 665 -31.74 -28.04 16.44
N MET A 666 -31.81 -26.84 15.81
CA MET A 666 -32.80 -26.39 14.77
C MET A 666 -31.97 -26.02 13.49
N LYS B 7 -0.14 -10.42 -9.84
CA LYS B 7 0.37 -9.76 -11.07
C LYS B 7 1.87 -10.04 -11.23
N ARG B 8 2.26 -10.90 -12.18
CA ARG B 8 3.68 -11.24 -12.47
C ARG B 8 4.53 -9.96 -12.58
N LYS B 9 3.90 -8.82 -12.92
CA LYS B 9 4.55 -7.49 -13.09
C LYS B 9 4.30 -6.62 -11.85
N PRO B 10 5.36 -6.00 -11.27
CA PRO B 10 5.20 -5.00 -10.21
C PRO B 10 4.44 -3.83 -10.78
N PRO B 11 3.89 -2.90 -9.98
CA PRO B 11 3.25 -1.72 -10.55
C PRO B 11 4.25 -1.08 -11.51
N LYS B 12 3.80 -0.26 -12.47
CA LYS B 12 4.71 0.42 -13.45
C LYS B 12 5.58 1.42 -12.69
N GLY B 13 6.86 1.55 -13.06
CA GLY B 13 7.81 2.53 -12.49
C GLY B 13 8.61 1.98 -11.31
N MET B 14 8.03 1.10 -10.50
CA MET B 14 8.69 0.51 -9.30
C MET B 14 9.51 -0.70 -9.76
N PHE B 15 10.74 -0.80 -9.31
CA PHE B 15 11.67 -1.89 -9.71
C PHE B 15 11.97 -2.73 -8.47
N LEU B 16 11.72 -4.04 -8.56
CA LEU B 16 11.80 -4.97 -7.41
C LEU B 16 12.33 -6.31 -7.92
N SER B 17 13.63 -6.39 -8.16
CA SER B 17 14.27 -7.64 -8.64
C SER B 17 14.36 -8.61 -7.46
N GLN B 18 14.18 -9.91 -7.71
CA GLN B 18 14.52 -10.96 -6.71
C GLN B 18 15.90 -10.61 -6.11
N GLU B 19 16.93 -10.55 -6.98
CA GLU B 19 18.34 -10.25 -6.67
C GLU B 19 18.47 -9.04 -5.73
N ASP B 20 17.87 -7.91 -6.13
CA ASP B 20 17.99 -6.57 -5.48
C ASP B 20 17.43 -6.64 -4.06
N VAL B 21 16.31 -7.37 -3.88
CA VAL B 21 15.59 -7.52 -2.58
C VAL B 21 16.51 -8.24 -1.59
N GLU B 22 17.10 -9.37 -2.01
CA GLU B 22 18.05 -10.19 -1.19
C GLU B 22 19.22 -9.33 -0.71
N ALA B 23 19.65 -8.35 -1.52
CA ALA B 23 20.86 -7.52 -1.37
C ALA B 23 20.62 -6.33 -0.44
N VAL B 24 19.36 -5.92 -0.27
CA VAL B 24 18.99 -4.78 0.62
C VAL B 24 18.42 -5.36 1.93
N SER B 25 18.79 -6.60 2.27
CA SER B 25 18.25 -7.35 3.44
C SER B 25 19.11 -8.58 3.80
N ALA B 26 20.42 -8.58 3.51
CA ALA B 26 21.34 -9.69 3.89
C ALA B 26 22.10 -9.30 5.16
N ASN B 27 21.62 -8.26 5.87
CA ASN B 27 22.32 -7.57 6.98
C ASN B 27 21.42 -6.37 7.38
N ALA B 28 21.61 -5.81 8.59
CA ALA B 28 20.82 -4.67 9.13
C ALA B 28 21.05 -3.42 8.27
N THR B 29 22.32 -3.07 7.97
CA THR B 29 22.75 -1.81 7.30
C THR B 29 23.06 -2.04 5.80
N ALA B 30 23.12 -3.30 5.33
CA ALA B 30 23.44 -3.67 3.92
C ALA B 30 22.54 -2.86 2.98
N ALA B 31 21.36 -2.45 3.48
CA ALA B 31 20.47 -1.44 2.87
C ALA B 31 21.28 -0.21 2.49
N THR B 32 21.72 0.56 3.48
CA THR B 32 22.30 1.92 3.30
C THR B 32 23.83 1.84 3.32
N THR B 33 24.45 0.66 3.13
CA THR B 33 25.83 0.58 2.57
C THR B 33 25.70 0.49 1.03
N VAL B 34 24.83 -0.37 0.50
CA VAL B 34 24.54 -0.40 -0.97
C VAL B 34 24.25 1.02 -1.45
N LEU B 35 23.49 1.84 -0.70
CA LEU B 35 23.07 3.21 -1.10
C LEU B 35 24.22 4.21 -0.94
N ARG B 36 25.20 3.98 -0.05
CA ARG B 36 26.41 4.83 0.08
C ARG B 36 27.36 4.52 -1.07
N GLN B 37 27.67 3.24 -1.33
CA GLN B 37 28.62 2.79 -2.38
C GLN B 37 28.12 3.10 -3.81
N LEU B 38 26.90 3.63 -3.97
CA LEU B 38 26.43 4.23 -5.24
C LEU B 38 26.69 5.74 -5.16
N ASP B 39 26.21 6.39 -4.10
CA ASP B 39 26.49 7.81 -3.77
C ASP B 39 28.00 8.13 -3.91
N MET B 40 28.88 7.23 -3.46
CA MET B 40 30.37 7.33 -3.54
C MET B 40 30.84 6.73 -4.87
N GLU B 41 30.17 7.07 -5.98
CA GLU B 41 30.46 6.57 -7.34
C GLU B 41 29.77 7.45 -8.38
N LEU B 42 28.57 7.92 -8.06
CA LEU B 42 27.94 9.12 -8.67
C LEU B 42 28.88 10.32 -8.48
N VAL B 43 29.64 10.36 -7.39
CA VAL B 43 30.71 11.37 -7.14
C VAL B 43 31.89 11.08 -8.08
N SER B 44 32.40 9.85 -8.07
CA SER B 44 33.63 9.44 -8.79
C SER B 44 33.41 9.38 -10.32
N VAL B 45 32.20 9.57 -10.81
CA VAL B 45 31.96 9.78 -12.28
C VAL B 45 32.00 11.29 -12.50
N LYS B 46 31.14 12.03 -11.79
CA LYS B 46 31.07 13.51 -11.85
C LYS B 46 32.47 14.14 -11.75
N ARG B 47 33.39 13.56 -10.97
CA ARG B 47 34.83 13.95 -10.92
C ARG B 47 35.42 13.78 -12.31
N GLN B 48 35.38 12.55 -12.84
CA GLN B 48 36.07 12.20 -14.10
C GLN B 48 35.31 12.78 -15.30
N ILE B 49 34.17 13.44 -15.10
CA ILE B 49 33.55 14.28 -16.16
C ILE B 49 34.33 15.59 -16.22
N GLN B 50 34.29 16.38 -15.15
CA GLN B 50 34.96 17.71 -15.03
C GLN B 50 36.42 17.60 -15.52
N ASN B 51 37.13 16.57 -15.09
CA ASN B 51 38.50 16.24 -15.57
C ASN B 51 38.53 16.25 -17.11
N ILE B 52 37.70 15.44 -17.77
CA ILE B 52 37.73 15.24 -19.25
C ILE B 52 37.07 16.42 -19.96
N LYS B 53 36.13 17.14 -19.32
CA LYS B 53 35.56 18.40 -19.86
C LYS B 53 36.67 19.43 -20.03
N GLN B 54 37.58 19.50 -19.05
CA GLN B 54 38.67 20.50 -18.98
C GLN B 54 39.82 20.05 -19.89
N THR B 55 40.17 18.76 -19.89
CA THR B 55 41.12 18.14 -20.86
C THR B 55 40.63 18.42 -22.28
N ASN B 56 39.31 18.49 -22.50
CA ASN B 56 38.73 18.62 -23.86
C ASN B 56 38.68 20.09 -24.29
N SER B 57 38.46 21.03 -23.37
CA SER B 57 38.30 22.48 -23.70
C SER B 57 39.70 23.10 -23.88
N ALA B 58 40.74 22.48 -23.33
CA ALA B 58 42.17 22.80 -23.61
C ALA B 58 42.45 22.48 -25.08
N LEU B 59 42.14 21.24 -25.48
CA LEU B 59 42.33 20.70 -26.86
C LEU B 59 41.48 21.47 -27.87
N LYS B 60 40.50 22.27 -27.46
CA LYS B 60 39.69 23.08 -28.41
C LYS B 60 40.39 24.40 -28.70
N GLU B 61 41.07 25.00 -27.71
CA GLU B 61 41.74 26.32 -27.88
C GLU B 61 43.10 26.12 -28.57
N LYS B 62 43.58 24.87 -28.53
CA LYS B 62 44.72 24.35 -29.33
C LYS B 62 44.29 24.11 -30.79
N LEU B 63 43.04 24.42 -31.13
CA LEU B 63 42.45 24.08 -32.45
C LEU B 63 41.72 25.33 -32.98
N ASP B 64 42.18 26.51 -32.55
CA ASP B 64 41.42 27.79 -32.68
C ASP B 64 41.98 28.58 -33.87
N GLY B 65 41.69 28.09 -35.07
CA GLY B 65 41.74 28.86 -36.32
C GLY B 65 41.02 28.10 -37.43
N GLY B 66 40.29 27.05 -37.06
CA GLY B 66 40.07 25.89 -37.94
C GLY B 66 41.35 25.52 -38.66
N ILE B 67 41.23 25.19 -39.94
CA ILE B 67 42.36 25.07 -40.90
C ILE B 67 42.09 26.04 -42.05
N GLU B 68 41.47 27.17 -41.73
CA GLU B 68 40.97 28.15 -42.73
C GLU B 68 42.18 28.81 -43.40
N PRO B 69 43.19 29.30 -42.65
CA PRO B 69 44.41 29.84 -43.27
C PRO B 69 45.29 28.86 -44.06
N TYR B 70 44.85 27.63 -44.33
CA TYR B 70 45.70 26.58 -44.92
C TYR B 70 45.01 25.87 -46.09
N ARG B 71 43.84 26.36 -46.51
CA ARG B 71 43.01 25.68 -47.55
C ARG B 71 43.34 26.30 -48.90
N LEU B 72 43.39 25.49 -49.94
CA LEU B 72 43.80 25.94 -51.29
C LEU B 72 42.55 26.11 -52.14
N PRO B 73 42.23 27.35 -52.62
CA PRO B 73 41.12 27.54 -53.56
C PRO B 73 41.32 26.54 -54.71
N GLU B 74 40.24 26.06 -55.32
CA GLU B 74 40.29 24.98 -56.34
C GLU B 74 39.96 25.52 -57.73
N VAL B 75 40.47 24.87 -58.77
CA VAL B 75 40.24 25.21 -60.19
C VAL B 75 39.42 24.06 -60.81
N ILE B 76 38.31 24.37 -61.51
CA ILE B 76 37.55 23.37 -62.32
C ILE B 76 38.51 22.85 -63.40
N GLN B 77 38.52 21.54 -63.66
CA GLN B 77 39.52 20.88 -64.55
C GLN B 77 38.81 19.97 -65.55
N LYS B 78 38.60 20.46 -66.77
CA LYS B 78 37.80 19.80 -67.83
C LYS B 78 38.68 18.81 -68.58
N CYS B 79 38.70 17.56 -68.12
CA CYS B 79 39.73 16.53 -68.44
C CYS B 79 39.74 16.26 -69.96
N ASN B 80 40.95 15.99 -70.50
CA ASN B 80 41.30 16.04 -71.94
C ASN B 80 41.49 14.61 -72.46
N ALA B 81 41.42 14.42 -73.78
CA ALA B 81 41.73 13.15 -74.48
C ALA B 81 43.25 13.01 -74.63
N ARG B 82 43.88 13.97 -75.32
CA ARG B 82 45.36 14.04 -75.57
C ARG B 82 46.04 14.16 -74.21
N TRP B 83 47.04 13.31 -73.97
CA TRP B 83 47.91 13.37 -72.76
C TRP B 83 48.79 14.64 -72.77
N THR B 84 49.74 14.71 -73.70
CA THR B 84 50.96 15.57 -73.70
C THR B 84 52.03 14.84 -72.90
N THR B 85 53.26 15.10 -73.30
CA THR B 85 54.49 14.56 -72.69
C THR B 85 54.55 15.08 -71.25
N GLU B 86 54.16 16.33 -71.02
CA GLU B 86 54.07 16.90 -69.65
C GLU B 86 53.30 15.90 -68.79
N GLU B 87 52.05 15.59 -69.15
CA GLU B 87 51.08 14.87 -68.30
C GLU B 87 51.50 13.40 -68.18
N GLN B 88 52.09 12.84 -69.23
CA GLN B 88 52.71 11.49 -69.20
C GLN B 88 53.71 11.38 -68.05
N LEU B 89 54.52 12.42 -67.87
CA LEU B 89 55.67 12.43 -66.93
C LEU B 89 55.15 12.62 -65.51
N LEU B 90 54.23 13.56 -65.32
CA LEU B 90 53.48 13.71 -64.05
C LEU B 90 52.93 12.34 -63.60
N ALA B 91 52.38 11.57 -64.54
CA ALA B 91 51.72 10.28 -64.26
C ALA B 91 52.74 9.28 -63.73
N VAL B 92 53.81 9.02 -64.47
CA VAL B 92 54.86 8.02 -64.09
C VAL B 92 55.35 8.35 -62.68
N GLN B 93 55.40 9.62 -62.31
CA GLN B 93 55.97 10.08 -61.01
C GLN B 93 54.94 9.84 -59.91
N ALA B 94 53.66 10.03 -60.25
CA ALA B 94 52.49 9.81 -59.36
C ALA B 94 52.31 8.31 -59.11
N ILE B 95 52.54 7.49 -60.14
CA ILE B 95 52.49 6.01 -60.04
C ILE B 95 53.58 5.57 -59.08
N ARG B 96 54.71 6.26 -59.09
CA ARG B 96 55.86 5.96 -58.20
C ARG B 96 55.50 6.33 -56.75
N LYS B 97 54.63 7.31 -56.57
CA LYS B 97 54.34 7.99 -55.27
C LYS B 97 53.08 7.40 -54.64
N TYR B 98 52.11 6.96 -55.45
CA TYR B 98 50.73 6.64 -55.01
C TYR B 98 50.36 5.17 -55.27
N GLY B 99 51.04 4.51 -56.22
CA GLY B 99 50.86 3.08 -56.54
C GLY B 99 49.66 2.88 -57.45
N ARG B 100 48.54 2.45 -56.89
CA ARG B 100 47.30 2.15 -57.66
C ARG B 100 46.20 3.15 -57.27
N ASP B 101 46.47 4.17 -56.45
CA ASP B 101 45.44 5.14 -56.02
C ASP B 101 45.07 5.98 -57.25
N PHE B 102 44.28 5.40 -58.15
CA PHE B 102 43.87 6.01 -59.44
C PHE B 102 43.19 7.35 -59.16
N GLN B 103 42.59 7.50 -57.96
CA GLN B 103 41.84 8.72 -57.57
C GLN B 103 42.83 9.88 -57.37
N ALA B 104 43.95 9.61 -56.67
CA ALA B 104 45.04 10.57 -56.42
C ALA B 104 45.74 10.90 -57.75
N ILE B 105 46.13 9.88 -58.51
CA ILE B 105 46.92 10.06 -59.76
C ILE B 105 46.12 10.94 -60.72
N SER B 106 44.80 10.81 -60.72
CA SER B 106 43.88 11.72 -61.44
C SER B 106 44.03 13.14 -60.90
N ASP B 107 43.80 13.33 -59.60
CA ASP B 107 43.81 14.66 -58.92
C ASP B 107 45.14 15.39 -59.23
N VAL B 108 46.28 14.73 -59.02
CA VAL B 108 47.66 15.29 -59.24
C VAL B 108 47.72 15.88 -60.64
N ILE B 109 47.55 15.01 -61.65
CA ILE B 109 47.68 15.37 -63.09
C ILE B 109 46.79 16.59 -63.37
N GLY B 110 45.50 16.46 -63.09
CA GLY B 110 44.58 17.60 -63.04
C GLY B 110 43.44 17.42 -64.02
N ASN B 111 43.74 17.06 -65.26
CA ASN B 111 42.77 16.96 -66.39
C ASN B 111 42.78 15.53 -66.94
N LYS B 112 42.39 14.56 -66.10
CA LYS B 112 42.18 13.14 -66.48
C LYS B 112 41.19 12.50 -65.50
N SER B 113 40.07 11.99 -66.01
CA SER B 113 39.15 11.06 -65.29
C SER B 113 39.93 9.83 -64.81
N VAL B 114 39.37 9.15 -63.81
CA VAL B 114 40.01 7.99 -63.13
C VAL B 114 40.23 6.84 -64.13
N VAL B 115 39.36 6.74 -65.14
CA VAL B 115 39.39 5.66 -66.16
C VAL B 115 40.57 5.90 -67.11
N GLN B 116 40.73 7.14 -67.62
CA GLN B 116 41.84 7.50 -68.55
C GLN B 116 43.16 7.12 -67.89
N VAL B 117 43.22 7.21 -66.56
CA VAL B 117 44.41 6.82 -65.75
C VAL B 117 44.66 5.32 -65.89
N LYS B 118 43.61 4.49 -65.96
CA LYS B 118 43.72 3.02 -66.16
C LYS B 118 44.15 2.73 -67.60
N ASN B 119 43.46 3.35 -68.57
CA ASN B 119 43.77 3.25 -70.03
C ASN B 119 45.28 3.40 -70.20
N PHE B 120 45.80 4.53 -69.75
CA PHE B 120 47.23 4.90 -69.66
C PHE B 120 48.04 3.74 -69.05
N PHE B 121 47.57 3.33 -67.87
CA PHE B 121 48.22 2.31 -67.01
C PHE B 121 48.46 1.02 -67.80
N VAL B 122 47.73 0.85 -68.92
CA VAL B 122 47.75 -0.39 -69.75
C VAL B 122 48.34 -0.11 -71.15
N ASN B 123 48.17 1.09 -71.74
CA ASN B 123 48.74 1.42 -73.07
C ASN B 123 50.26 1.54 -72.96
N TYR B 124 50.69 2.41 -72.04
CA TYR B 124 52.10 2.76 -71.82
C TYR B 124 52.70 1.75 -70.81
N ARG B 125 51.94 0.72 -70.41
CA ARG B 125 52.50 -0.30 -69.48
C ARG B 125 53.85 -0.76 -70.04
N ARG B 126 53.94 -0.92 -71.36
CA ARG B 126 55.17 -1.40 -72.04
C ARG B 126 56.30 -0.37 -71.89
N ARG B 127 56.05 0.88 -72.34
CA ARG B 127 57.07 1.90 -72.68
C ARG B 127 57.53 2.70 -71.44
N PHE B 128 56.77 2.62 -70.35
CA PHE B 128 57.03 3.34 -69.08
C PHE B 128 57.32 2.35 -67.95
N ASN B 129 57.76 1.14 -68.28
CA ASN B 129 57.91 -0.04 -67.38
C ASN B 129 57.06 0.13 -66.11
N ILE B 130 55.75 0.32 -66.25
CA ILE B 130 54.84 0.60 -65.10
C ILE B 130 55.01 -0.56 -64.09
N ASP B 131 55.28 -1.77 -64.60
CA ASP B 131 55.68 -2.98 -63.82
C ASP B 131 56.81 -2.60 -62.86
N GLU B 132 58.03 -2.38 -63.39
CA GLU B 132 59.26 -2.02 -62.64
C GLU B 132 58.92 -0.97 -61.59
N VAL B 133 58.06 -0.02 -61.95
CA VAL B 133 57.71 1.18 -61.12
C VAL B 133 56.90 0.75 -59.89
N LEU B 134 55.88 -0.09 -60.06
CA LEU B 134 54.99 -0.46 -58.93
C LEU B 134 55.72 -1.37 -57.94
N GLN B 135 56.73 -2.12 -58.38
CA GLN B 135 57.65 -2.90 -57.49
C GLN B 135 58.44 -1.94 -56.60
N GLU B 136 58.88 -0.82 -57.17
CA GLU B 136 59.61 0.24 -56.43
C GLU B 136 58.66 0.87 -55.41
N TRP B 137 57.39 1.12 -55.78
CA TRP B 137 56.33 1.67 -54.87
C TRP B 137 56.05 0.70 -53.73
N GLU B 138 56.03 -0.60 -54.02
CA GLU B 138 55.70 -1.66 -53.03
C GLU B 138 56.81 -1.70 -51.96
N ALA B 139 58.09 -1.57 -52.34
CA ALA B 139 59.21 -1.41 -51.38
C ALA B 139 58.82 -0.40 -50.28
N GLU B 140 58.53 0.86 -50.66
CA GLU B 140 58.19 2.01 -49.75
C GLU B 140 57.07 1.58 -48.78
N ALA C 1 -6.14 14.54 1.05
CA ALA C 1 -6.05 13.42 0.09
C ALA C 1 -7.46 12.88 -0.20
N ARG C 2 -7.55 11.70 -0.83
CA ARG C 2 -8.83 11.08 -1.25
C ARG C 2 -9.60 10.59 -0.02
N DLY C 3 -8.90 9.91 0.92
CA DLY C 3 -9.51 9.40 2.14
C DLY C 3 -9.76 7.90 2.04
O DLY C 3 -10.79 7.40 2.47
CB DLY C 3 -8.69 9.60 3.42
CG DLY C 3 -9.58 9.58 4.67
CD DLY C 3 -8.80 9.63 6.00
CE DLY C 3 -9.50 8.92 7.16
NZ DLY C 3 -9.49 7.48 7.05
N MET C 4 -8.77 7.20 1.50
CA MET C 4 -8.87 5.77 1.29
C MET C 4 -8.35 5.05 2.53
N GLN C 5 -8.20 3.71 2.45
CA GLN C 5 -7.58 2.81 3.46
C GLN C 5 -8.45 2.67 4.72
N GLU C 6 -9.71 3.13 4.67
CA GLU C 6 -10.76 2.94 5.70
C GLU C 6 -11.80 1.94 5.18
N ALA C 7 -11.35 0.89 4.45
CA ALA C 7 -12.14 -0.13 3.71
C ALA C 7 -13.36 -0.58 4.53
PA FAD D . -16.39 -4.83 24.20
O1A FAD D . -15.07 -4.36 24.72
O2A FAD D . -17.36 -3.90 23.51
O5B FAD D . -17.16 -5.56 25.40
C5B FAD D . -16.43 -6.40 26.34
C4B FAD D . -16.94 -6.14 27.73
O4B FAD D . -16.08 -6.79 28.70
C3B FAD D . -16.96 -4.66 28.15
O3B FAD D . -18.31 -4.34 28.44
C2B FAD D . -16.03 -4.61 29.37
O2B FAD D . -16.45 -3.66 30.31
C1B FAD D . -16.15 -6.03 29.88
N9A FAD D . -15.13 -6.57 30.77
C8A FAD D . -13.78 -6.57 30.58
N7A FAD D . -13.13 -7.19 31.53
C5A FAD D . -14.12 -7.67 32.38
C6A FAD D . -14.07 -8.44 33.56
N6A FAD D . -12.93 -8.88 34.08
N1A FAD D . -15.25 -8.78 34.13
C2A FAD D . -16.39 -8.32 33.57
N3A FAD D . -16.56 -7.57 32.49
C4A FAD D . -15.37 -7.29 31.92
N1 FAD D . -15.88 -0.64 15.00
C2 FAD D . -16.65 -0.18 13.96
O2 FAD D . -17.45 -0.91 13.34
N3 FAD D . -16.57 1.10 13.53
C4 FAD D . -15.72 2.01 14.10
O4 FAD D . -15.72 3.16 13.71
C4X FAD D . -14.97 1.60 15.21
N5 FAD D . -14.20 2.48 15.77
C5X FAD D . -13.54 2.12 16.90
C6 FAD D . -12.78 3.11 17.55
C7 FAD D . -12.13 2.86 18.73
C7M FAD D . -11.36 3.97 19.41
C8 FAD D . -12.17 1.55 19.27
C8M FAD D . -11.43 1.25 20.55
C9 FAD D . -12.85 0.54 18.60
C9A FAD D . -13.57 0.81 17.42
N10 FAD D . -14.33 -0.15 16.73
C10 FAD D . -15.09 0.22 15.62
C1' FAD D . -14.43 -1.53 17.25
C2' FAD D . -15.67 -1.75 18.14
O2' FAD D . -15.89 -0.69 19.06
C3' FAD D . -15.53 -3.01 18.99
O3' FAD D . -14.83 -4.01 18.25
C4' FAD D . -16.84 -3.61 19.49
O4' FAD D . -17.54 -2.73 20.39
C5' FAD D . -16.52 -4.93 20.17
O5' FAD D . -17.43 -5.37 21.20
P FAD D . -16.98 -6.69 21.98
O1P FAD D . -18.29 -7.26 22.40
O2P FAD D . -16.03 -7.59 21.25
O3P FAD D . -16.12 -6.06 23.19
#